data_8GS8
#
_entry.id   8GS8
#
_cell.length_a   1.00
_cell.length_b   1.00
_cell.length_c   1.00
_cell.angle_alpha   90.00
_cell.angle_beta   90.00
_cell.angle_gamma   90.00
#
_symmetry.space_group_name_H-M   'P 1'
#
loop_
_entity.id
_entity.type
_entity.pdbx_description
1 polymer 'Succinate dehydrogenase [ubiquinone] flavoprotein subunit, mitochondrial'
2 polymer 'Succinate dehydrogenase [ubiquinone] iron-sulfur subunit, mitochondrial'
3 polymer 'Succinate dehydrogenase cytochrome b560 subunit, mitochondrial'
4 polymer 'Succinate dehydrogenase [ubiquinone] cytochrome b small subunit, mitochondrial'
5 non-polymer 'FLAVIN-ADENINE DINUCLEOTIDE'
6 non-polymer 'FE2/S2 (INORGANIC) CLUSTER'
7 non-polymer 'IRON/SULFUR CLUSTER'
8 non-polymer 'FE3-S4 CLUSTER'
9 non-polymer UBIQUINONE-1
10 non-polymer 'PROTOPORPHYRIN IX CONTAINING FE'
11 non-polymer '(1S)-2-{[(2-AMINOETHOXY)(HYDROXY)PHOSPHORYL]OXY}-1-[(PALMITOYLOXY)METHYL]ETHYL STEARATE'
#
loop_
_entity_poly.entity_id
_entity_poly.type
_entity_poly.pdbx_seq_one_letter_code
_entity_poly.pdbx_strand_id
1 'polypeptide(L)'
;MSGVRGLSRLLSARRLALAKAWPTVLQTGTRGFHFTVDGNKRASAKVSDSISAQYPVVDHEFDAVVVGAGGAGLRAAFGL
SEAGFNTACVTKLFPTRSHTVAAQGGINAALGNMEEDNWRWHFYDTVKGSDWLGDQDAIHYMTEQAPAAVVELENYGMPF
SRTEDGKIYQRAFGGQSLKFGKGGQAHRCCCVADRTGHSLLHTLYGRSLRYDTSYFVEYFALDLLMENGECRGVIALCIE
DGSIHRIRAKNTVVATGGYGRTYFSCTSAHTSTGDGTAMITRAGLPCQDLEFVQFHPTGIYGAGCLITEGCRGEGGILIN
SQGERFMERYAPVAKDLASRDVVSRSMTLEIREGRGCGPEKDHVYLQLHHLPPEQLATRLPGISETAMIFAGVDVTKEPI
PVLPTVHYNMGGIPTNYKGQVLRHVNGQDQIVPGLYACGEAACASVHGANRLGANSLLDLVVFGRACALSIEESCRPGDK
VPPIKPNAGEESVMNLDKLRFADGSIRTSELRLSMQKSMQNHAAVFRVGSVLQEGCGKISKLYGDLKHLKTFDRGMVWNT
DLVETLELQNLMLCALQTIYGAEARKESRGAHAREDYKVRIDEYDYSKPIQGQQKKPFEEHWRKHTLSYVDVGTGKVTLE
YRPVIDKTLNEADCATVPPAIRSY
;
A
2 'polypeptide(L)'
;MAAVVALSLRRRLPATTLGGACLQASRGAQTAAATAPRIKKFAIYRWDPDKAGDKPHMQTYEVDLNKCGPMVLDALIKIK
NEVDSTLTFRRSCREGICGSCAMNINGGNTLACTRRIDTNLNKVSKIYPLPHMYVIKDLVPDLSNFYAQYKSIEPYLKKK
DESQEGKQQYLQSIEEREKLDGLYECILCACCSTSCPSYWWNGDKYLGPAVLMQAYRWMIDSRDDFTEERLAKLQDPFSL
YRCHTIMNCTRTCPKGLNPGKAIAEIKKMMATYKEKKASV
;
B
3 'polypeptide(L)'
;MAALLLRHVGRHCLRAHFSPQLCIRNAVPLGTTAKEEMERFWNKNIGSNRPLSPHITIYSWSLPMAMSICHRGTGIALSA
GVSLFGMSALLLPGNFESYLELVKSLCLGPALIHTAKFALVFPLMYHTWNGIRHLMWDLGKGLKIPQLYQSGVVVLVLTV
LSSMGLAAM
;
C
4 'polypeptide(L)'
;MAVLWRLSAVCGALGGRALLLRTPVVRPAHISAFLQDRPIPEWCGVQHIHLSPSHHSGSKAASLHWTSERVVSVLLLGLL
PAAYLNPCSAMDYSLAAALTLHGHWGLGQVVTDYVHGDALQKAAKAGLLALSALTFAGLCYFNYHDVGICKAVAMLWKL
;
D
#
loop_
_chem_comp.id
_chem_comp.type
_chem_comp.name
_chem_comp.formula
F3S non-polymer 'FE3-S4 CLUSTER' 'Fe3 S4'
FAD non-polymer 'FLAVIN-ADENINE DINUCLEOTIDE' 'C27 H33 N9 O15 P2'
FES non-polymer 'FE2/S2 (INORGANIC) CLUSTER' 'Fe2 S2'
HEM non-polymer 'PROTOPORPHYRIN IX CONTAINING FE' 'C34 H32 Fe N4 O4'
PEV non-polymer '(1S)-2-{[(2-AMINOETHOXY)(HYDROXY)PHOSPHORYL]OXY}-1-[(PALMITOYLOXY)METHYL]ETHYL STEARATE' 'C39 H78 N O8 P'
SF4 non-polymer 'IRON/SULFUR CLUSTER' 'Fe4 S4'
UQ1 non-polymer UBIQUINONE-1 'C14 H18 O4'
#
# COMPACT_ATOMS: atom_id res chain seq x y z
N ILE A 51 -27.73 20.53 1.71
CA ILE A 51 -28.85 20.79 2.66
C ILE A 51 -30.14 20.19 2.11
N SER A 52 -30.80 19.31 2.87
CA SER A 52 -32.13 18.77 2.47
C SER A 52 -32.04 17.84 1.25
N ALA A 53 -32.95 17.99 0.28
CA ALA A 53 -33.05 17.05 -0.85
C ALA A 53 -32.09 17.38 -2.00
N GLN A 54 -31.16 18.29 -1.79
CA GLN A 54 -30.11 18.50 -2.82
C GLN A 54 -29.20 17.30 -2.62
N TYR A 55 -29.40 16.61 -1.50
CA TYR A 55 -28.56 15.43 -1.13
C TYR A 55 -29.45 14.26 -0.71
N PRO A 56 -29.96 13.41 -1.63
CA PRO A 56 -30.71 12.22 -1.25
C PRO A 56 -29.82 11.28 -0.47
N VAL A 57 -30.35 10.70 0.60
CA VAL A 57 -29.57 9.88 1.52
C VAL A 57 -29.87 8.42 1.29
N VAL A 58 -28.82 7.62 1.07
CA VAL A 58 -28.93 6.17 0.93
C VAL A 58 -28.70 5.47 2.27
N ASP A 59 -29.75 4.90 2.84
CA ASP A 59 -29.67 4.24 4.14
C ASP A 59 -29.32 2.77 4.01
N HIS A 60 -28.26 2.33 4.70
CA HIS A 60 -27.89 0.93 4.80
C HIS A 60 -28.13 0.43 6.21
N GLU A 61 -28.38 -0.87 6.36
CA GLU A 61 -28.55 -1.49 7.67
C GLU A 61 -27.63 -2.69 7.79
N PHE A 62 -26.68 -2.61 8.73
CA PHE A 62 -25.71 -3.67 8.96
C PHE A 62 -25.76 -4.12 10.42
N ASP A 63 -25.14 -5.26 10.68
CA ASP A 63 -24.98 -5.70 12.05
C ASP A 63 -23.96 -4.86 12.80
N ALA A 64 -22.88 -4.48 12.12
CA ALA A 64 -21.84 -3.72 12.78
C ALA A 64 -21.11 -2.88 11.76
N VAL A 65 -20.77 -1.64 12.11
CA VAL A 65 -19.99 -0.77 11.23
C VAL A 65 -18.66 -0.45 11.88
N VAL A 66 -17.58 -0.63 11.13
CA VAL A 66 -16.22 -0.29 11.55
C VAL A 66 -15.76 0.91 10.71
N VAL A 67 -15.57 2.06 11.35
CA VAL A 67 -15.19 3.29 10.64
C VAL A 67 -13.68 3.34 10.61
N GLY A 68 -13.08 2.56 9.72
CA GLY A 68 -11.64 2.58 9.61
C GLY A 68 -11.15 1.28 9.02
N ALA A 69 -10.08 1.30 8.24
CA ALA A 69 -9.51 0.06 7.74
C ALA A 69 -8.00 0.03 7.88
N GLY A 70 -7.51 0.52 8.99
CA GLY A 70 -6.12 0.32 9.36
C GLY A 70 -5.99 -1.05 10.02
N GLY A 71 -4.87 -1.26 10.70
CA GLY A 71 -4.68 -2.52 11.39
C GLY A 71 -5.77 -2.81 12.39
N ALA A 72 -6.12 -1.83 13.21
CA ALA A 72 -7.17 -2.00 14.20
C ALA A 72 -8.53 -2.17 13.52
N GLY A 73 -8.84 -1.32 12.55
CA GLY A 73 -10.12 -1.43 11.87
C GLY A 73 -10.25 -2.70 11.09
N LEU A 74 -9.16 -3.17 10.50
CA LEU A 74 -9.23 -4.38 9.70
C LEU A 74 -9.36 -5.58 10.61
N ARG A 75 -8.61 -5.59 11.72
CA ARG A 75 -8.75 -6.67 12.68
C ARG A 75 -10.17 -6.73 13.23
N ALA A 76 -10.80 -5.58 13.44
CA ALA A 76 -12.14 -5.58 14.01
C ALA A 76 -13.20 -5.99 12.99
N ALA A 77 -13.08 -5.52 11.75
CA ALA A 77 -13.99 -5.94 10.69
C ALA A 77 -13.86 -7.43 10.44
N PHE A 78 -12.63 -7.92 10.30
CA PHE A 78 -12.38 -9.35 10.21
C PHE A 78 -12.94 -10.13 11.39
N GLY A 79 -12.85 -9.59 12.60
CA GLY A 79 -13.41 -10.30 13.74
C GLY A 79 -14.92 -10.41 13.67
N LEU A 80 -15.58 -9.29 13.38
CA LEU A 80 -17.04 -9.28 13.30
C LEU A 80 -17.53 -10.18 12.17
N SER A 81 -16.95 -10.05 10.97
CA SER A 81 -17.37 -10.87 9.85
C SER A 81 -17.10 -12.35 10.11
N GLU A 82 -15.94 -12.67 10.68
CA GLU A 82 -15.61 -14.06 11.00
C GLU A 82 -16.57 -14.63 12.04
N ALA A 83 -16.93 -13.83 13.04
CA ALA A 83 -17.89 -14.27 14.04
C ALA A 83 -19.24 -14.59 13.41
N GLY A 84 -19.63 -13.82 12.40
CA GLY A 84 -20.89 -14.06 11.73
C GLY A 84 -21.65 -12.77 11.46
N PHE A 85 -21.39 -11.76 12.28
CA PHE A 85 -22.02 -10.46 12.13
C PHE A 85 -21.88 -9.92 10.71
N ASN A 86 -22.96 -9.31 10.22
CA ASN A 86 -22.94 -8.57 8.97
C ASN A 86 -22.22 -7.24 9.16
N THR A 87 -20.92 -7.24 8.94
CA THR A 87 -20.10 -6.07 9.21
C THR A 87 -19.95 -5.22 7.95
N ALA A 88 -19.58 -3.96 8.16
CA ALA A 88 -19.32 -3.02 7.07
C ALA A 88 -18.14 -2.16 7.48
N CYS A 89 -17.06 -2.21 6.72
CA CYS A 89 -15.91 -1.35 6.95
C CYS A 89 -16.06 -0.09 6.12
N VAL A 90 -16.22 1.06 6.76
CA VAL A 90 -16.25 2.35 6.08
C VAL A 90 -14.84 2.92 6.14
N THR A 91 -14.18 3.02 5.01
CA THR A 91 -12.84 3.56 4.95
C THR A 91 -12.78 4.68 3.92
N LYS A 92 -11.92 5.68 4.17
CA LYS A 92 -11.74 6.79 3.24
C LYS A 92 -10.53 6.58 2.35
N LEU A 93 -9.89 5.43 2.48
CA LEU A 93 -8.71 5.02 1.74
C LEU A 93 -8.88 3.54 1.49
N PHE A 94 -8.34 3.03 0.40
CA PHE A 94 -8.35 1.59 0.22
C PHE A 94 -7.67 0.98 1.44
N PRO A 95 -8.22 -0.08 2.04
CA PRO A 95 -7.67 -0.63 3.28
C PRO A 95 -6.16 -0.72 3.37
N THR A 96 -5.49 -1.18 2.33
CA THR A 96 -4.06 -1.39 2.38
C THR A 96 -3.38 -0.05 2.12
N ARG A 97 -4.15 1.04 2.09
CA ARG A 97 -3.57 2.37 1.87
C ARG A 97 -3.34 3.07 3.22
N SER A 98 -4.00 2.54 4.25
CA SER A 98 -3.94 3.03 5.61
C SER A 98 -2.56 3.23 6.20
N HIS A 99 -2.52 4.21 7.04
CA HIS A 99 -1.17 4.54 7.59
C HIS A 99 -0.55 3.36 8.33
N THR A 100 -1.16 2.33 8.58
CA THR A 100 -0.55 1.17 9.19
C THR A 100 0.69 0.74 8.39
N VAL A 101 0.58 0.66 7.06
CA VAL A 101 1.68 0.27 6.18
C VAL A 101 2.99 0.94 6.58
N ALA A 102 2.93 2.21 6.97
CA ALA A 102 4.12 2.90 7.43
C ALA A 102 4.37 2.42 8.86
N ALA A 103 4.88 1.20 9.01
CA ALA A 103 5.12 0.72 10.37
C ALA A 103 6.23 -0.30 10.48
N GLN A 104 7.40 0.03 9.97
CA GLN A 104 8.55 -0.83 10.09
C GLN A 104 8.86 -1.03 11.57
N GLY A 105 8.89 -2.28 12.01
CA GLY A 105 9.04 -2.52 13.44
C GLY A 105 7.98 -3.50 13.89
N GLY A 106 8.37 -4.65 14.42
CA GLY A 106 7.42 -5.72 14.65
C GLY A 106 6.41 -5.45 15.74
N ILE A 107 5.70 -6.52 16.09
CA ILE A 107 4.71 -6.51 17.17
C ILE A 107 5.41 -7.04 18.42
N ASN A 108 5.24 -6.38 19.55
CA ASN A 108 5.72 -6.97 20.79
C ASN A 108 4.83 -8.13 21.20
N ALA A 109 5.45 -9.20 21.66
CA ALA A 109 4.72 -10.37 22.14
C ALA A 109 5.68 -11.24 22.92
N ALA A 110 5.31 -11.62 24.14
CA ALA A 110 6.21 -12.40 25.00
C ALA A 110 6.28 -13.87 24.56
N LEU A 111 6.40 -14.15 23.26
CA LEU A 111 6.58 -15.58 22.88
C LEU A 111 8.05 -15.88 23.14
N GLY A 112 8.35 -16.98 23.83
CA GLY A 112 9.73 -17.28 24.24
C GLY A 112 10.52 -18.05 23.21
N ASN A 113 10.89 -17.40 22.11
CA ASN A 113 11.71 -18.03 21.07
C ASN A 113 13.21 -17.81 21.34
N MET A 114 13.68 -16.56 21.32
CA MET A 114 15.10 -16.31 21.57
C MET A 114 15.51 -16.77 22.97
N GLU A 115 14.82 -16.26 23.99
CA GLU A 115 15.15 -16.55 25.36
C GLU A 115 13.87 -16.72 26.15
N GLU A 116 13.94 -17.51 27.22
CA GLU A 116 12.80 -17.69 28.12
C GLU A 116 12.24 -16.33 28.52
N ASP A 117 10.95 -16.14 28.28
CA ASP A 117 10.31 -14.86 28.53
C ASP A 117 8.93 -15.10 29.12
N ASN A 118 8.46 -14.12 29.88
CA ASN A 118 7.13 -14.18 30.48
C ASN A 118 6.37 -12.90 30.17
N TRP A 119 5.06 -13.05 29.98
CA TRP A 119 4.22 -11.90 29.65
C TRP A 119 4.13 -10.91 30.79
N ARG A 120 4.46 -11.31 32.01
CA ARG A 120 4.39 -10.39 33.14
C ARG A 120 5.52 -9.39 33.11
N TRP A 121 6.67 -9.76 32.55
CA TRP A 121 7.74 -8.79 32.34
C TRP A 121 7.35 -7.75 31.30
N HIS A 122 6.66 -8.18 30.24
CA HIS A 122 6.14 -7.23 29.25
C HIS A 122 5.14 -6.30 29.91
N PHE A 123 4.24 -6.85 30.71
CA PHE A 123 3.29 -6.04 31.47
C PHE A 123 4.02 -4.96 32.27
N TYR A 124 4.98 -5.39 33.10
CA TYR A 124 5.78 -4.46 33.89
C TYR A 124 6.39 -3.37 33.01
N ASP A 125 7.11 -3.78 31.97
CA ASP A 125 7.72 -2.84 31.04
C ASP A 125 6.74 -1.77 30.61
N THR A 126 5.59 -2.23 30.07
CA THR A 126 4.54 -1.32 29.64
C THR A 126 4.19 -0.33 30.75
N VAL A 127 3.73 -0.84 31.88
CA VAL A 127 3.36 -0.01 33.04
C VAL A 127 4.39 1.05 33.33
N LYS A 128 5.65 0.65 33.42
CA LYS A 128 6.72 1.59 33.72
C LYS A 128 6.84 2.66 32.64
N GLY A 129 6.87 2.24 31.37
CA GLY A 129 7.04 3.19 30.29
C GLY A 129 5.89 4.15 30.14
N SER A 130 4.70 3.74 30.57
CA SER A 130 3.54 4.61 30.53
C SER A 130 3.65 5.76 31.53
N ASP A 131 4.52 5.62 32.53
CA ASP A 131 4.69 6.58 33.61
C ASP A 131 3.52 6.55 34.59
N TRP A 132 2.94 5.37 34.76
CA TRP A 132 1.89 5.12 35.74
C TRP A 132 0.66 5.97 35.50
N LEU A 133 0.42 6.32 34.24
CA LEU A 133 -0.80 6.99 33.84
C LEU A 133 -1.57 6.08 32.89
N GLY A 134 -1.16 4.83 32.78
CA GLY A 134 -1.83 3.86 31.96
C GLY A 134 -2.67 2.94 32.82
N ASP A 135 -3.70 2.37 32.20
CA ASP A 135 -4.66 1.54 32.91
C ASP A 135 -4.10 0.13 33.00
N GLN A 136 -3.67 -0.27 34.20
CA GLN A 136 -3.00 -1.56 34.35
C GLN A 136 -3.92 -2.74 34.11
N ASP A 137 -5.18 -2.51 33.80
CA ASP A 137 -6.09 -3.58 33.46
C ASP A 137 -6.09 -3.79 31.96
N ALA A 138 -6.08 -2.69 31.20
CA ALA A 138 -5.89 -2.83 29.77
C ALA A 138 -4.45 -3.20 29.46
N ILE A 139 -3.50 -2.73 30.27
CA ILE A 139 -2.11 -3.14 30.05
C ILE A 139 -1.96 -4.62 30.36
N HIS A 140 -2.78 -5.13 31.28
CA HIS A 140 -2.68 -6.53 31.67
C HIS A 140 -3.29 -7.38 30.58
N TYR A 141 -4.49 -7.03 30.15
CA TYR A 141 -5.12 -7.73 29.05
C TYR A 141 -4.20 -7.76 27.83
N MET A 142 -3.65 -6.61 27.44
CA MET A 142 -2.87 -6.58 26.20
C MET A 142 -1.64 -7.46 26.32
N THR A 143 -0.88 -7.31 27.40
CA THR A 143 0.37 -8.07 27.49
C THR A 143 0.10 -9.54 27.65
N GLU A 144 -1.09 -9.92 28.12
CA GLU A 144 -1.40 -11.32 28.31
C GLU A 144 -1.87 -11.95 27.02
N GLN A 145 -2.54 -11.18 26.17
CA GLN A 145 -3.06 -11.67 24.91
C GLN A 145 -2.11 -11.47 23.75
N ALA A 146 -0.96 -10.84 23.98
CA ALA A 146 -0.02 -10.59 22.90
C ALA A 146 0.55 -11.86 22.29
N PRO A 147 1.02 -12.86 23.07
CA PRO A 147 1.42 -14.14 22.46
C PRO A 147 0.39 -14.74 21.52
N ALA A 148 -0.83 -14.95 22.00
CA ALA A 148 -1.84 -15.60 21.17
C ALA A 148 -2.30 -14.72 20.02
N ALA A 149 -2.17 -13.41 20.13
CA ALA A 149 -2.52 -12.54 19.02
C ALA A 149 -1.48 -12.62 17.91
N VAL A 150 -0.19 -12.60 18.27
CA VAL A 150 0.81 -12.76 17.21
C VAL A 150 0.77 -14.18 16.64
N VAL A 151 0.35 -15.16 17.42
CA VAL A 151 0.23 -16.49 16.86
C VAL A 151 -0.90 -16.51 15.85
N GLU A 152 -2.07 -15.94 16.20
CA GLU A 152 -3.14 -15.98 15.22
C GLU A 152 -2.77 -15.20 14.00
N LEU A 153 -1.84 -14.24 14.12
CA LEU A 153 -1.48 -13.42 12.97
C LEU A 153 -0.55 -14.18 12.06
N GLU A 154 0.29 -15.04 12.64
CA GLU A 154 1.18 -15.84 11.82
C GLU A 154 0.41 -16.98 11.18
N ASN A 155 -0.69 -17.39 11.79
CA ASN A 155 -1.53 -18.47 11.29
C ASN A 155 -2.46 -17.99 10.19
N TYR A 156 -2.39 -16.72 9.84
CA TYR A 156 -3.17 -16.12 8.76
C TYR A 156 -2.33 -15.96 7.52
N GLY A 157 -1.02 -16.05 7.65
CA GLY A 157 -0.12 -16.01 6.54
C GLY A 157 0.87 -14.88 6.62
N MET A 158 0.91 -14.18 7.73
CA MET A 158 1.77 -13.01 7.81
C MET A 158 3.20 -13.50 7.75
N PRO A 159 4.00 -13.04 6.80
CA PRO A 159 5.33 -13.62 6.59
C PRO A 159 6.37 -13.23 7.62
N PHE A 160 6.23 -13.68 8.85
CA PHE A 160 7.18 -13.32 9.88
C PHE A 160 8.56 -13.88 9.56
N SER A 161 9.60 -13.12 9.88
CA SER A 161 10.96 -13.61 9.69
C SER A 161 11.21 -14.79 10.61
N ARG A 162 11.86 -15.82 10.10
CA ARG A 162 12.02 -17.07 10.81
C ARG A 162 13.42 -17.24 11.40
N THR A 163 13.48 -17.95 12.52
CA THR A 163 14.73 -18.24 13.21
C THR A 163 15.26 -19.59 12.73
N GLU A 164 16.47 -19.94 13.20
CA GLU A 164 17.11 -21.17 12.77
C GLU A 164 16.25 -22.40 13.05
N ASP A 165 15.28 -22.29 13.97
CA ASP A 165 14.39 -23.38 14.32
C ASP A 165 13.03 -23.27 13.66
N GLY A 166 12.81 -22.24 12.85
CA GLY A 166 11.58 -22.11 12.10
C GLY A 166 10.47 -21.38 12.82
N LYS A 167 10.81 -20.48 13.73
CA LYS A 167 9.85 -19.76 14.55
C LYS A 167 10.02 -18.27 14.31
N ILE A 168 9.08 -17.48 14.80
CA ILE A 168 9.09 -16.06 14.51
C ILE A 168 10.31 -15.41 15.11
N TYR A 169 11.04 -14.64 14.29
CA TYR A 169 12.24 -13.94 14.73
C TYR A 169 11.87 -12.63 15.43
N GLN A 170 12.22 -12.54 16.70
CA GLN A 170 11.94 -11.32 17.50
C GLN A 170 13.22 -10.49 17.62
N ARG A 171 13.08 -9.19 17.93
CA ARG A 171 14.25 -8.35 18.12
C ARG A 171 14.13 -7.59 19.44
N ALA A 172 14.90 -6.52 19.60
CA ALA A 172 14.92 -5.70 20.81
C ALA A 172 14.72 -4.20 20.60
N PHE A 173 13.73 -3.64 21.32
CA PHE A 173 13.35 -2.23 21.16
C PHE A 173 13.63 -1.47 22.46
N GLY A 174 13.26 -0.19 22.53
CA GLY A 174 13.54 0.67 23.66
C GLY A 174 12.42 0.61 24.67
N GLY A 175 12.79 0.18 25.87
CA GLY A 175 11.88 0.12 27.00
C GLY A 175 11.62 -1.29 27.48
N GLN A 176 12.23 -2.30 26.86
CA GLN A 176 11.97 -3.69 27.20
C GLN A 176 13.01 -4.17 28.18
N SER A 177 12.69 -5.22 28.91
CA SER A 177 13.58 -5.73 29.93
C SER A 177 13.20 -7.15 30.26
N LEU A 178 13.92 -7.73 31.22
CA LEU A 178 13.69 -9.08 31.68
C LEU A 178 13.70 -9.05 33.20
N LYS A 179 13.19 -10.10 33.81
CA LYS A 179 13.13 -10.24 35.26
C LYS A 179 12.69 -8.92 35.91
N PHE A 180 11.49 -8.48 35.53
CA PHE A 180 10.87 -7.27 36.08
C PHE A 180 11.88 -6.13 36.21
N GLY A 181 12.57 -5.86 35.12
CA GLY A 181 13.52 -4.75 35.05
C GLY A 181 14.93 -5.15 35.41
N LYS A 182 15.08 -5.83 36.55
CA LYS A 182 16.35 -6.26 37.11
C LYS A 182 17.29 -6.85 36.06
N GLY A 183 16.73 -7.48 35.04
CA GLY A 183 17.50 -8.13 34.00
C GLY A 183 17.87 -7.14 32.93
N GLY A 184 18.19 -7.66 31.74
CA GLY A 184 18.66 -6.84 30.65
C GLY A 184 17.65 -6.68 29.54
N GLN A 185 18.13 -6.21 28.41
CA GLN A 185 17.31 -6.09 27.20
C GLN A 185 16.66 -7.42 26.88
N ALA A 186 15.43 -7.37 26.39
CA ALA A 186 14.69 -8.58 26.02
C ALA A 186 14.44 -8.61 24.52
N HIS A 187 14.16 -9.81 24.03
CA HIS A 187 13.85 -10.06 22.63
C HIS A 187 12.43 -10.57 22.49
N ARG A 188 11.50 -9.65 22.25
CA ARG A 188 10.10 -10.03 22.10
C ARG A 188 9.45 -9.51 20.83
N CYS A 189 10.10 -8.62 20.08
CA CYS A 189 9.51 -8.00 18.89
C CYS A 189 9.48 -8.95 17.69
N CYS A 190 8.30 -9.50 17.41
CA CYS A 190 8.01 -10.35 16.26
C CYS A 190 7.90 -9.48 15.01
N CYS A 191 9.01 -9.32 14.30
CA CYS A 191 9.07 -8.48 13.11
C CYS A 191 8.95 -9.24 11.79
N VAL A 192 8.24 -8.65 10.83
CA VAL A 192 8.26 -9.12 9.43
C VAL A 192 9.33 -8.29 8.73
N ALA A 193 10.58 -8.67 8.92
CA ALA A 193 11.72 -8.20 8.13
C ALA A 193 11.59 -6.74 7.72
N ASP A 194 11.35 -5.88 8.71
CA ASP A 194 11.32 -4.42 8.56
C ASP A 194 10.14 -3.91 7.73
N ARG A 195 9.16 -4.74 7.41
CA ARG A 195 7.93 -4.33 6.73
C ARG A 195 6.73 -4.90 7.45
N THR A 196 6.72 -4.75 8.78
CA THR A 196 5.71 -5.40 9.60
C THR A 196 4.33 -4.80 9.39
N GLY A 197 4.22 -3.47 9.32
CA GLY A 197 2.91 -2.87 9.13
C GLY A 197 2.33 -3.16 7.77
N HIS A 198 3.16 -3.17 6.73
CA HIS A 198 2.70 -3.50 5.39
C HIS A 198 2.14 -4.92 5.35
N SER A 199 2.89 -5.89 5.91
CA SER A 199 2.44 -7.27 5.91
C SER A 199 1.24 -7.47 6.80
N LEU A 200 1.15 -6.73 7.91
CA LEU A 200 -0.04 -6.79 8.75
C LEU A 200 -1.28 -6.34 8.00
N LEU A 201 -1.18 -5.19 7.33
CA LEU A 201 -2.32 -4.64 6.62
C LEU A 201 -2.73 -5.54 5.47
N HIS A 202 -1.76 -6.07 4.72
CA HIS A 202 -2.11 -6.92 3.58
C HIS A 202 -2.67 -8.26 4.02
N THR A 203 -2.10 -8.85 5.07
CA THR A 203 -2.62 -10.11 5.58
C THR A 203 -4.04 -9.93 6.10
N LEU A 204 -4.28 -8.89 6.90
CA LEU A 204 -5.61 -8.70 7.46
C LEU A 204 -6.63 -8.36 6.40
N TYR A 205 -6.25 -7.55 5.40
CA TYR A 205 -7.22 -7.21 4.35
C TYR A 205 -7.55 -8.42 3.51
N GLY A 206 -6.55 -9.08 2.94
CA GLY A 206 -6.83 -10.25 2.14
C GLY A 206 -7.52 -11.33 2.92
N ARG A 207 -7.28 -11.39 4.23
CA ARG A 207 -7.92 -12.38 5.07
C ARG A 207 -9.35 -12.01 5.38
N SER A 208 -9.70 -10.72 5.35
CA SER A 208 -11.09 -10.31 5.49
C SER A 208 -11.86 -10.46 4.20
N LEU A 209 -11.17 -10.63 3.07
CA LEU A 209 -11.84 -10.89 1.81
C LEU A 209 -12.48 -12.27 1.81
N ARG A 210 -12.12 -13.08 2.79
CA ARG A 210 -12.60 -14.43 2.94
C ARG A 210 -14.00 -14.47 3.54
N TYR A 211 -14.46 -13.35 4.09
CA TYR A 211 -15.74 -13.21 4.77
C TYR A 211 -16.52 -12.06 4.13
N ASP A 212 -17.81 -11.99 4.42
CA ASP A 212 -18.70 -11.01 3.79
C ASP A 212 -18.52 -9.61 4.40
N THR A 213 -17.28 -9.13 4.37
CA THR A 213 -16.95 -7.77 4.81
C THR A 213 -17.25 -6.82 3.66
N SER A 214 -18.37 -6.14 3.75
CA SER A 214 -18.80 -5.20 2.71
C SER A 214 -18.08 -3.86 2.88
N TYR A 215 -16.91 -3.74 2.26
CA TYR A 215 -16.14 -2.52 2.32
C TYR A 215 -16.86 -1.36 1.62
N PHE A 216 -16.89 -0.20 2.27
CA PHE A 216 -17.22 1.08 1.68
C PHE A 216 -15.91 1.85 1.52
N VAL A 217 -15.21 1.56 0.45
CA VAL A 217 -13.89 2.16 0.21
C VAL A 217 -14.03 3.59 -0.28
N GLU A 218 -13.19 4.49 0.23
CA GLU A 218 -13.23 5.92 -0.09
C GLU A 218 -14.57 6.57 0.23
N TYR A 219 -15.10 6.27 1.40
CA TYR A 219 -16.25 6.95 1.97
C TYR A 219 -15.73 7.73 3.17
N PHE A 220 -16.06 9.02 3.24
CA PHE A 220 -15.66 9.84 4.38
C PHE A 220 -16.77 9.82 5.42
N ALA A 221 -16.47 9.31 6.60
CA ALA A 221 -17.42 9.31 7.71
C ALA A 221 -17.51 10.70 8.32
N LEU A 222 -18.71 11.26 8.37
CA LEU A 222 -18.89 12.63 8.81
C LEU A 222 -19.25 12.75 10.29
N ASP A 223 -20.08 11.86 10.82
CA ASP A 223 -20.55 11.98 12.18
C ASP A 223 -21.19 10.67 12.60
N LEU A 224 -21.28 10.46 13.91
CA LEU A 224 -21.97 9.30 14.44
C LEU A 224 -23.45 9.60 14.58
N LEU A 225 -24.27 8.57 14.52
CA LEU A 225 -25.73 8.73 14.57
C LEU A 225 -26.15 8.43 15.99
N MET A 226 -26.15 9.45 16.83
CA MET A 226 -26.40 9.30 18.26
C MET A 226 -27.87 9.59 18.53
N GLU A 227 -28.56 8.65 19.17
CA GLU A 227 -29.90 8.89 19.65
C GLU A 227 -30.10 8.32 21.04
N ASN A 228 -30.56 9.17 21.96
CA ASN A 228 -30.79 8.79 23.35
C ASN A 228 -29.51 8.24 23.95
N GLY A 229 -28.40 8.88 23.62
CA GLY A 229 -27.15 8.57 24.25
C GLY A 229 -26.42 7.42 23.59
N GLU A 230 -27.09 6.64 22.75
CA GLU A 230 -26.41 5.50 22.12
C GLU A 230 -26.07 5.82 20.67
N CYS A 231 -25.30 4.93 20.07
CA CYS A 231 -24.85 5.07 18.68
C CYS A 231 -25.54 4.07 17.77
N ARG A 232 -26.18 4.57 16.70
CA ARG A 232 -26.81 3.77 15.67
C ARG A 232 -26.04 3.71 14.36
N GLY A 233 -24.78 4.09 14.34
CA GLY A 233 -24.01 3.99 13.11
C GLY A 233 -23.42 5.31 12.69
N VAL A 234 -22.96 5.36 11.44
CA VAL A 234 -22.35 6.59 10.92
C VAL A 234 -23.07 7.10 9.68
N ILE A 235 -23.01 8.42 9.50
CA ILE A 235 -23.36 9.05 8.23
C ILE A 235 -22.07 9.40 7.50
N ALA A 236 -21.95 8.93 6.26
CA ALA A 236 -20.72 9.00 5.49
C ALA A 236 -20.95 9.69 4.15
N LEU A 237 -19.85 10.14 3.55
CA LEU A 237 -19.84 10.80 2.25
C LEU A 237 -19.11 9.92 1.25
N CYS A 238 -19.79 9.49 0.19
CA CYS A 238 -19.10 8.81 -0.89
C CYS A 238 -18.27 9.83 -1.65
N ILE A 239 -16.95 9.67 -1.61
CA ILE A 239 -16.09 10.64 -2.28
C ILE A 239 -16.25 10.56 -3.80
N GLU A 240 -16.61 9.39 -4.33
CA GLU A 240 -16.66 9.23 -5.78
C GLU A 240 -17.80 10.02 -6.41
N ASP A 241 -19.01 9.93 -5.87
CA ASP A 241 -20.13 10.62 -6.51
C ASP A 241 -20.75 11.69 -5.62
N GLY A 242 -20.26 11.86 -4.40
CA GLY A 242 -20.79 12.86 -3.50
C GLY A 242 -22.10 12.52 -2.83
N SER A 243 -22.49 11.26 -2.82
CA SER A 243 -23.74 10.85 -2.22
C SER A 243 -23.60 10.65 -0.72
N ILE A 244 -24.61 11.06 0.03
CA ILE A 244 -24.64 10.88 1.47
C ILE A 244 -25.24 9.52 1.81
N HIS A 245 -24.54 8.74 2.64
CA HIS A 245 -24.93 7.39 2.99
C HIS A 245 -25.04 7.28 4.51
N ARG A 246 -26.07 6.61 5.00
CA ARG A 246 -26.24 6.41 6.44
C ARG A 246 -26.12 4.93 6.75
N ILE A 247 -24.94 4.50 7.17
CA ILE A 247 -24.72 3.09 7.49
C ILE A 247 -25.14 2.89 8.94
N ARG A 248 -26.40 2.51 9.10
CA ARG A 248 -26.96 2.21 10.42
C ARG A 248 -26.44 0.85 10.84
N ALA A 249 -26.28 0.67 12.13
CA ALA A 249 -25.78 -0.58 12.66
C ALA A 249 -26.24 -0.71 14.10
N LYS A 250 -25.70 -1.68 14.79
CA LYS A 250 -26.00 -1.86 16.21
C LYS A 250 -24.76 -1.64 17.06
N ASN A 251 -23.57 -1.77 16.49
CA ASN A 251 -22.30 -1.53 17.17
C ASN A 251 -21.35 -0.86 16.21
N THR A 252 -20.94 0.35 16.54
CA THR A 252 -19.96 1.11 15.77
C THR A 252 -18.59 0.95 16.42
N VAL A 253 -17.58 0.64 15.60
CA VAL A 253 -16.19 0.58 16.04
C VAL A 253 -15.45 1.72 15.34
N VAL A 254 -14.89 2.64 16.10
CA VAL A 254 -14.20 3.79 15.53
C VAL A 254 -12.70 3.50 15.59
N ALA A 255 -12.11 3.21 14.43
CA ALA A 255 -10.70 2.84 14.32
C ALA A 255 -9.98 3.72 13.31
N THR A 256 -10.13 5.03 13.46
CA THR A 256 -9.72 6.02 12.48
C THR A 256 -8.27 6.50 12.61
N GLY A 257 -7.48 5.98 13.51
CA GLY A 257 -6.11 6.47 13.62
C GLY A 257 -6.00 7.77 14.38
N GLY A 258 -4.81 8.33 14.39
CA GLY A 258 -4.53 9.52 15.18
C GLY A 258 -4.79 10.82 14.47
N TYR A 259 -4.20 11.89 14.99
CA TYR A 259 -4.37 13.24 14.47
C TYR A 259 -3.04 13.95 14.30
N GLY A 260 -2.07 13.26 13.71
CA GLY A 260 -0.73 13.81 13.60
C GLY A 260 -0.61 15.04 12.71
N ARG A 261 -1.55 15.24 11.78
CA ARG A 261 -1.47 16.40 10.91
C ARG A 261 -1.82 17.70 11.60
N THR A 262 -2.06 17.67 12.90
CA THR A 262 -2.22 18.89 13.68
C THR A 262 -0.90 19.65 13.81
N TYR A 263 0.23 19.01 13.51
CA TYR A 263 1.55 19.59 13.64
C TYR A 263 2.22 19.74 12.27
N PHE A 264 3.09 20.74 12.18
CA PHE A 264 3.75 21.07 10.92
C PHE A 264 4.61 19.92 10.40
N SER A 265 5.43 19.33 11.26
CA SER A 265 6.31 18.23 10.87
C SER A 265 5.84 16.98 11.58
N CYS A 266 5.55 15.93 10.81
CA CYS A 266 5.05 14.69 11.38
C CYS A 266 5.48 13.54 10.49
N THR A 267 5.78 12.40 11.12
CA THR A 267 5.98 11.17 10.37
C THR A 267 4.68 10.66 9.74
N SER A 268 3.53 11.22 10.12
CA SER A 268 2.23 10.71 9.75
C SER A 268 1.88 11.02 8.30
N ALA A 269 0.88 10.26 7.80
CA ALA A 269 0.36 10.40 6.47
C ALA A 269 -0.45 11.68 6.33
N HIS A 270 -0.82 11.99 5.09
CA HIS A 270 -1.74 13.10 4.86
C HIS A 270 -3.14 12.84 5.38
N THR A 271 -3.45 11.61 5.75
CA THR A 271 -4.80 11.23 6.13
C THR A 271 -4.97 11.04 7.63
N SER A 272 -3.95 11.35 8.43
CA SER A 272 -4.02 11.32 9.88
C SER A 272 -4.56 12.65 10.39
N THR A 273 -5.88 12.83 10.29
CA THR A 273 -6.49 14.10 10.63
C THR A 273 -7.46 14.02 11.81
N GLY A 274 -7.38 12.99 12.63
CA GLY A 274 -8.21 12.94 13.83
C GLY A 274 -9.69 12.92 13.57
N ASP A 275 -10.13 12.14 12.59
CA ASP A 275 -11.53 12.17 12.18
C ASP A 275 -12.44 11.51 13.20
N GLY A 276 -12.05 10.37 13.76
CA GLY A 276 -12.89 9.73 14.76
C GLY A 276 -12.88 10.45 16.09
N THR A 277 -11.74 10.98 16.49
CA THR A 277 -11.68 11.79 17.71
C THR A 277 -12.60 13.00 17.58
N ALA A 278 -12.67 13.60 16.41
CA ALA A 278 -13.55 14.74 16.22
C ALA A 278 -15.02 14.32 16.08
N MET A 279 -15.30 13.16 15.51
CA MET A 279 -16.68 12.67 15.52
C MET A 279 -17.15 12.47 16.94
N ILE A 280 -16.26 12.01 17.80
CA ILE A 280 -16.57 11.85 19.22
C ILE A 280 -16.74 13.21 19.89
N THR A 281 -15.91 14.18 19.53
CA THR A 281 -16.04 15.51 20.12
C THR A 281 -17.35 16.18 19.71
N ARG A 282 -17.77 15.98 18.47
CA ARG A 282 -18.99 16.59 17.96
C ARG A 282 -20.24 15.86 18.36
N ALA A 283 -20.13 14.78 19.13
CA ALA A 283 -21.28 14.01 19.58
C ALA A 283 -21.53 14.18 21.05
N GLY A 284 -20.69 14.94 21.74
CA GLY A 284 -20.89 15.24 23.14
C GLY A 284 -20.11 14.36 24.08
N LEU A 285 -19.21 13.55 23.55
CA LEU A 285 -18.46 12.58 24.30
C LEU A 285 -17.03 13.09 24.48
N PRO A 286 -16.36 12.72 25.55
CA PRO A 286 -15.04 13.29 25.82
C PRO A 286 -13.93 12.57 25.08
N CYS A 287 -12.77 13.17 25.16
CA CYS A 287 -11.51 12.62 24.69
C CYS A 287 -10.65 12.43 25.92
N GLN A 288 -9.38 12.09 25.75
CA GLN A 288 -8.65 11.76 26.95
C GLN A 288 -7.15 11.83 26.69
N ASP A 289 -6.44 12.59 27.53
CA ASP A 289 -4.99 12.63 27.47
C ASP A 289 -4.49 13.08 26.11
N LEU A 290 -5.33 13.83 25.39
CA LEU A 290 -4.93 14.42 24.13
C LEU A 290 -3.57 15.11 24.23
N GLU A 291 -3.35 15.89 25.30
CA GLU A 291 -2.10 16.63 25.46
C GLU A 291 -0.85 15.79 25.20
N PHE A 292 -0.88 14.48 25.47
CA PHE A 292 0.31 13.65 25.34
C PHE A 292 0.51 13.30 23.87
N VAL A 293 1.59 13.81 23.28
CA VAL A 293 1.93 13.53 21.90
C VAL A 293 3.37 13.07 21.84
N GLN A 294 3.57 11.80 21.50
CA GLN A 294 4.91 11.26 21.32
C GLN A 294 5.57 11.87 20.08
N PHE A 295 6.78 12.37 20.27
CA PHE A 295 7.63 12.91 19.20
C PHE A 295 8.79 11.94 18.99
N HIS A 296 8.57 10.88 18.21
CA HIS A 296 9.57 9.87 17.89
C HIS A 296 10.92 10.54 17.65
N PRO A 297 12.02 10.06 18.25
CA PRO A 297 13.29 10.78 18.07
C PRO A 297 13.90 10.63 16.69
N THR A 298 13.81 9.45 16.07
CA THR A 298 14.53 9.19 14.83
C THR A 298 13.62 9.36 13.61
N GLY A 299 13.38 10.61 13.26
CA GLY A 299 12.69 10.95 12.02
C GLY A 299 13.60 11.78 11.15
N ILE A 300 13.61 11.48 9.84
CA ILE A 300 14.48 12.19 8.91
C ILE A 300 14.39 13.70 9.11
N TYR A 301 15.55 14.36 9.01
CA TYR A 301 15.60 15.80 9.24
C TYR A 301 14.72 16.57 8.27
N GLY A 302 14.76 16.21 6.99
CA GLY A 302 14.00 16.97 6.01
C GLY A 302 12.62 16.43 5.71
N ALA A 303 12.57 15.15 5.34
CA ALA A 303 11.32 14.52 4.94
C ALA A 303 10.41 14.26 6.13
N GLY A 304 10.99 13.88 7.27
CA GLY A 304 10.18 13.51 8.45
C GLY A 304 9.81 12.04 8.38
N CYS A 305 10.46 11.29 7.47
CA CYS A 305 10.14 9.85 7.29
C CYS A 305 10.60 9.05 8.52
N LEU A 306 10.23 7.76 8.58
CA LEU A 306 10.57 6.94 9.77
C LEU A 306 11.84 6.12 9.50
N ILE A 307 12.74 6.05 10.49
CA ILE A 307 13.97 5.26 10.36
C ILE A 307 13.92 4.06 11.30
N THR A 308 12.73 3.53 11.61
CA THR A 308 12.60 2.31 12.41
C THR A 308 13.44 2.22 13.67
N GLU A 309 12.83 2.31 14.85
CA GLU A 309 13.62 2.12 16.06
C GLU A 309 14.23 0.73 16.11
N GLY A 310 13.86 -0.12 15.15
CA GLY A 310 14.48 -1.41 15.04
C GLY A 310 15.95 -1.27 14.74
N CYS A 311 16.29 -0.38 13.80
CA CYS A 311 17.69 -0.19 13.43
C CYS A 311 18.54 -0.02 14.68
N ARG A 312 18.13 0.88 15.56
CA ARG A 312 18.79 1.03 16.85
C ARG A 312 18.84 -0.30 17.57
N GLY A 313 17.69 -0.95 17.72
CA GLY A 313 17.65 -2.25 18.37
C GLY A 313 18.62 -3.28 17.81
N GLU A 314 19.04 -3.05 16.57
CA GLU A 314 20.03 -3.89 15.90
C GLU A 314 21.45 -3.50 16.26
N GLY A 315 21.66 -2.27 16.70
CA GLY A 315 22.99 -1.81 17.08
C GLY A 315 23.25 -0.36 16.76
N GLY A 316 22.43 0.24 15.89
CA GLY A 316 22.59 1.63 15.51
C GLY A 316 22.71 2.56 16.69
N ILE A 317 23.46 3.66 16.54
CA ILE A 317 23.70 4.58 17.65
C ILE A 317 23.35 6.01 17.24
N LEU A 318 23.04 6.83 18.22
CA LEU A 318 22.78 8.26 18.00
C LEU A 318 24.02 9.05 18.40
N ILE A 319 24.47 9.94 17.51
CA ILE A 319 25.68 10.74 17.74
C ILE A 319 25.41 12.21 17.44
N ASN A 320 25.97 13.08 18.27
CA ASN A 320 25.83 14.53 18.11
C ASN A 320 26.97 15.06 17.24
N SER A 321 27.19 16.39 17.27
CA SER A 321 28.31 16.97 16.54
C SER A 321 29.65 16.47 17.06
N GLN A 322 29.74 16.12 18.33
CA GLN A 322 30.98 15.61 18.90
C GLN A 322 31.16 14.11 18.67
N GLY A 323 30.25 13.50 17.92
CA GLY A 323 30.30 12.06 17.71
C GLY A 323 30.29 11.23 18.97
N GLU A 324 29.50 11.63 19.96
CA GLU A 324 29.38 10.88 21.20
C GLU A 324 27.97 10.33 21.35
N ARG A 325 27.88 9.15 21.97
CA ARG A 325 26.61 8.49 22.28
C ARG A 325 26.01 9.12 23.53
N PHE A 326 25.39 10.30 23.35
CA PHE A 326 24.83 11.00 24.49
C PHE A 326 23.81 10.18 25.28
N MET A 327 23.38 9.02 24.76
CA MET A 327 22.39 8.16 25.42
C MET A 327 22.92 7.49 26.63
N GLU A 328 24.13 7.83 27.04
CA GLU A 328 24.72 7.30 28.26
C GLU A 328 24.55 8.30 29.40
N ARG A 329 24.95 9.55 29.18
CA ARG A 329 24.71 10.59 30.16
C ARG A 329 23.28 10.57 30.67
N TYR A 330 22.33 10.26 29.79
CA TYR A 330 20.91 10.22 30.13
C TYR A 330 20.42 8.83 30.51
N ALA A 331 20.73 7.79 29.71
CA ALA A 331 20.26 6.44 29.95
C ALA A 331 21.45 5.52 30.15
N PRO A 332 22.02 5.46 31.37
CA PRO A 332 23.22 4.64 31.60
C PRO A 332 23.02 3.16 31.33
N VAL A 333 21.79 2.68 31.22
CA VAL A 333 21.51 1.26 30.97
C VAL A 333 20.76 1.17 29.64
N ALA A 334 19.64 1.87 29.57
CA ALA A 334 18.78 1.89 28.40
C ALA A 334 19.52 2.35 27.16
N LYS A 335 20.47 3.26 27.33
CA LYS A 335 21.29 3.84 26.27
C LYS A 335 20.43 4.22 25.07
N ASP A 336 20.80 3.76 23.87
CA ASP A 336 20.03 4.15 22.69
C ASP A 336 18.59 3.66 22.78
N LEU A 337 18.40 2.42 23.24
CA LEU A 337 17.09 1.79 23.36
C LEU A 337 16.42 2.21 24.67
N ALA A 338 15.84 3.41 24.66
CA ALA A 338 15.11 3.92 25.82
C ALA A 338 13.75 4.43 25.39
N SER A 339 12.98 4.89 26.38
CA SER A 339 11.63 5.44 26.11
C SER A 339 11.70 6.54 25.05
N ARG A 340 10.70 6.61 24.17
CA ARG A 340 10.74 7.57 23.05
C ARG A 340 10.46 8.98 23.56
N ASP A 341 10.33 9.15 24.87
CA ASP A 341 10.14 10.50 25.47
C ASP A 341 11.48 10.98 26.02
N VAL A 342 12.22 10.11 26.71
CA VAL A 342 13.55 10.46 27.20
C VAL A 342 14.50 10.72 26.04
N VAL A 343 14.46 9.86 25.03
CA VAL A 343 15.40 9.97 23.91
C VAL A 343 15.11 11.23 23.11
N SER A 344 13.84 11.51 22.86
CA SER A 344 13.49 12.70 22.10
C SER A 344 13.86 14.02 22.77
N ARG A 345 13.62 14.13 24.07
CA ARG A 345 13.98 15.33 24.80
C ARG A 345 15.51 15.51 24.98
N SER A 346 16.21 14.38 25.05
CA SER A 346 17.66 14.38 25.19
C SER A 346 18.24 14.85 23.85
N MET A 347 17.73 14.30 22.75
CA MET A 347 18.15 14.79 21.45
C MET A 347 17.82 16.27 21.31
N THR A 348 16.69 16.71 21.87
CA THR A 348 16.44 18.14 21.84
C THR A 348 17.43 18.88 22.73
N LEU A 349 17.85 18.26 23.84
CA LEU A 349 18.75 18.87 24.81
C LEU A 349 20.20 18.62 24.47
N GLU A 350 20.45 18.41 23.19
CA GLU A 350 21.79 18.34 22.64
C GLU A 350 21.98 19.50 21.70
N ILE A 351 20.94 19.84 20.93
CA ILE A 351 20.96 21.01 20.05
C ILE A 351 20.71 22.26 20.87
N ARG A 352 19.74 22.20 21.80
CA ARG A 352 19.47 23.32 22.71
C ARG A 352 20.76 23.88 23.31
N GLU A 353 21.73 23.01 23.58
CA GLU A 353 23.02 23.40 24.13
C GLU A 353 24.11 23.50 23.07
N GLY A 354 23.74 23.41 21.80
CA GLY A 354 24.71 23.57 20.72
C GLY A 354 25.61 22.43 20.29
N ARG A 355 25.08 21.22 20.26
CA ARG A 355 25.83 20.04 19.83
C ARG A 355 25.25 19.44 18.53
N GLY A 356 24.35 20.20 17.91
CA GLY A 356 23.70 19.79 16.67
C GLY A 356 24.77 19.52 15.63
N CYS A 357 24.72 18.37 14.98
CA CYS A 357 25.71 18.04 13.94
C CYS A 357 25.22 18.38 12.54
N GLY A 358 24.41 19.42 12.41
CA GLY A 358 23.87 19.78 11.12
C GLY A 358 24.67 20.89 10.49
N PRO A 359 24.51 21.09 9.18
CA PRO A 359 25.11 22.28 8.57
C PRO A 359 24.55 23.54 9.18
N GLU A 360 23.25 23.55 9.47
CA GLU A 360 22.59 24.62 10.19
C GLU A 360 22.51 24.33 11.69
N LYS A 361 23.11 23.21 12.12
CA LYS A 361 23.11 22.74 13.51
C LYS A 361 21.70 22.57 14.05
N ASP A 362 20.94 21.68 13.41
CA ASP A 362 19.55 21.46 13.83
C ASP A 362 19.14 19.99 13.74
N HIS A 363 20.10 19.08 13.94
CA HIS A 363 19.78 17.63 13.88
C HIS A 363 20.99 16.82 14.33
N VAL A 364 20.79 15.54 14.63
CA VAL A 364 21.89 14.66 15.02
C VAL A 364 21.99 13.53 14.00
N TYR A 365 23.08 12.76 14.08
CA TYR A 365 23.25 11.65 13.15
C TYR A 365 22.81 10.35 13.83
N LEU A 366 22.34 9.42 13.01
CA LEU A 366 22.15 8.03 13.41
C LEU A 366 23.11 7.16 12.61
N GLN A 367 24.05 6.53 13.32
CA GLN A 367 25.11 5.74 12.73
C GLN A 367 24.68 4.28 12.63
N LEU A 368 24.70 3.75 11.40
CA LEU A 368 24.42 2.34 11.13
C LEU A 368 25.54 1.61 10.39
N HIS A 369 26.50 2.33 9.81
CA HIS A 369 27.56 1.69 9.04
C HIS A 369 28.44 0.78 9.88
N HIS A 370 28.40 0.91 11.20
CA HIS A 370 29.13 0.01 12.07
C HIS A 370 28.50 -1.37 12.18
N LEU A 371 27.29 -1.57 11.65
CA LEU A 371 26.59 -2.84 11.53
C LEU A 371 26.95 -3.53 10.22
N PRO A 372 27.08 -4.85 10.23
CA PRO A 372 27.46 -5.59 9.01
C PRO A 372 26.47 -5.36 7.89
N PRO A 373 26.94 -5.26 6.64
CA PRO A 373 26.01 -5.07 5.52
C PRO A 373 24.92 -6.12 5.43
N GLU A 374 25.25 -7.37 5.76
CA GLU A 374 24.24 -8.44 5.71
C GLU A 374 23.11 -8.20 6.69
N GLN A 375 23.42 -7.70 7.88
CA GLN A 375 22.36 -7.41 8.83
C GLN A 375 21.58 -6.19 8.38
N LEU A 376 22.29 -5.19 7.85
CA LEU A 376 21.65 -3.98 7.37
C LEU A 376 20.59 -4.30 6.31
N ALA A 377 20.89 -5.25 5.42
CA ALA A 377 19.99 -5.53 4.31
C ALA A 377 19.05 -6.69 4.58
N THR A 378 19.31 -7.50 5.59
CA THR A 378 18.45 -8.68 5.85
C THR A 378 17.28 -8.46 6.82
N ARG A 379 17.44 -7.44 7.66
CA ARG A 379 16.45 -7.09 8.66
C ARG A 379 15.97 -5.68 8.41
N LEU A 380 16.83 -4.84 7.83
CA LEU A 380 16.36 -3.47 7.58
C LEU A 380 16.39 -3.15 6.09
N PRO A 381 15.65 -3.91 5.28
CA PRO A 381 15.68 -3.62 3.83
C PRO A 381 14.93 -2.36 3.47
N GLY A 382 13.91 -1.97 4.25
CA GLY A 382 13.13 -0.81 3.94
C GLY A 382 13.79 0.52 4.23
N ILE A 383 14.47 0.66 5.38
CA ILE A 383 15.08 1.94 5.69
C ILE A 383 16.26 2.21 4.77
N SER A 384 16.85 1.18 4.19
CA SER A 384 17.92 1.40 3.21
C SER A 384 17.36 2.16 2.02
N GLU A 385 16.28 1.65 1.44
CA GLU A 385 15.62 2.37 0.36
C GLU A 385 15.25 3.77 0.82
N THR A 386 14.41 3.88 1.86
CA THR A 386 13.95 5.18 2.33
C THR A 386 15.09 6.18 2.43
N ALA A 387 16.09 5.87 3.25
CA ALA A 387 17.25 6.73 3.43
C ALA A 387 17.85 7.17 2.09
N MET A 388 18.08 6.21 1.18
CA MET A 388 18.70 6.56 -0.09
C MET A 388 17.79 7.41 -0.98
N ILE A 389 16.52 7.02 -1.10
CA ILE A 389 15.60 7.72 -1.99
C ILE A 389 15.18 9.08 -1.45
N PHE A 390 15.39 9.36 -0.16
CA PHE A 390 15.07 10.67 0.38
C PHE A 390 16.32 11.42 0.84
N ALA A 391 16.94 11.01 1.95
CA ALA A 391 18.12 11.70 2.46
C ALA A 391 19.35 11.51 1.58
N GLY A 392 19.30 10.59 0.62
CA GLY A 392 20.44 10.25 -0.20
C GLY A 392 21.57 9.61 0.58
N VAL A 393 21.29 9.19 1.81
CA VAL A 393 22.27 8.58 2.70
C VAL A 393 22.32 7.09 2.44
N ASP A 394 23.53 6.54 2.36
CA ASP A 394 23.74 5.11 2.24
C ASP A 394 24.00 4.60 3.66
N VAL A 395 23.04 3.86 4.21
CA VAL A 395 23.13 3.41 5.60
C VAL A 395 24.40 2.64 5.85
N THR A 396 24.95 1.97 4.84
CA THR A 396 26.17 1.20 4.99
C THR A 396 27.42 2.08 5.03
N LYS A 397 27.32 3.36 4.68
CA LYS A 397 28.49 4.23 4.60
C LYS A 397 28.40 5.44 5.52
N GLU A 398 27.46 6.38 5.27
CA GLU A 398 27.32 7.61 6.04
C GLU A 398 26.08 7.59 6.94
N PRO A 399 26.09 8.34 8.04
CA PRO A 399 24.96 8.32 8.98
C PRO A 399 23.79 9.14 8.50
N ILE A 400 22.61 8.80 9.02
CA ILE A 400 21.35 9.44 8.60
C ILE A 400 21.04 10.64 9.49
N PRO A 401 20.70 11.80 8.92
CA PRO A 401 20.25 12.92 9.75
C PRO A 401 18.88 12.63 10.36
N VAL A 402 18.75 12.88 11.67
CA VAL A 402 17.53 12.55 12.39
C VAL A 402 17.19 13.66 13.39
N LEU A 403 15.89 13.87 13.57
CA LEU A 403 15.29 14.91 14.40
C LEU A 403 13.95 14.41 14.94
N PRO A 404 13.60 14.78 16.18
CA PRO A 404 12.28 14.43 16.76
C PRO A 404 11.10 15.10 16.07
N THR A 405 10.21 14.29 15.49
CA THR A 405 8.99 14.80 14.86
C THR A 405 7.78 14.04 15.41
N VAL A 406 6.61 14.67 15.35
CA VAL A 406 5.40 14.09 15.93
C VAL A 406 5.11 12.74 15.30
N HIS A 407 4.97 11.72 16.14
CA HIS A 407 4.83 10.37 15.65
C HIS A 407 3.57 9.68 16.14
N TYR A 408 3.26 9.76 17.42
CA TYR A 408 2.13 8.98 17.91
C TYR A 408 1.30 9.82 18.87
N ASN A 409 0.00 9.58 18.89
CA ASN A 409 -0.91 10.27 19.80
C ASN A 409 -1.42 9.28 20.82
N MET A 410 -0.85 9.33 22.03
CA MET A 410 -1.31 8.44 23.10
C MET A 410 -2.75 8.69 23.50
N GLY A 411 -3.25 9.91 23.34
CA GLY A 411 -4.63 10.20 23.67
C GLY A 411 -5.61 9.77 22.61
N GLY A 412 -6.85 10.12 22.84
CA GLY A 412 -7.93 9.76 21.93
C GLY A 412 -9.21 9.52 22.70
N ILE A 413 -10.04 8.66 22.13
CA ILE A 413 -11.34 8.27 22.70
C ILE A 413 -11.16 7.38 23.91
N PRO A 414 -11.66 7.75 25.09
CA PRO A 414 -11.53 6.90 26.27
C PRO A 414 -12.34 5.63 26.16
N THR A 415 -11.67 4.49 26.18
CA THR A 415 -12.30 3.19 26.18
C THR A 415 -11.82 2.41 27.40
N ASN A 416 -12.47 1.27 27.65
CA ASN A 416 -11.99 0.32 28.63
C ASN A 416 -11.17 -0.76 27.93
N TYR A 417 -10.82 -1.82 28.65
CA TYR A 417 -10.02 -2.88 28.07
C TYR A 417 -10.78 -3.72 27.05
N LYS A 418 -12.09 -3.55 26.94
CA LYS A 418 -12.88 -4.23 25.92
C LYS A 418 -13.10 -3.38 24.68
N GLY A 419 -12.55 -2.17 24.63
CA GLY A 419 -12.79 -1.25 23.55
C GLY A 419 -14.03 -0.41 23.66
N GLN A 420 -14.88 -0.64 24.65
CA GLN A 420 -16.12 0.10 24.79
C GLN A 420 -15.86 1.55 25.17
N VAL A 421 -16.38 2.48 24.37
CA VAL A 421 -16.14 3.90 24.62
C VAL A 421 -16.84 4.33 25.90
N LEU A 422 -16.15 5.11 26.71
CA LEU A 422 -16.61 5.50 28.03
C LEU A 422 -17.13 6.93 28.06
N ARG A 423 -18.18 7.16 28.83
CA ARG A 423 -18.61 8.50 29.20
C ARG A 423 -17.99 8.85 30.54
N HIS A 424 -18.40 9.97 31.13
CA HIS A 424 -18.05 10.29 32.51
C HIS A 424 -19.18 11.14 33.08
N VAL A 425 -20.13 10.49 33.74
CA VAL A 425 -21.32 11.15 34.25
C VAL A 425 -21.28 11.14 35.77
N ASN A 426 -21.21 12.33 36.37
CA ASN A 426 -21.20 12.50 37.82
C ASN A 426 -20.06 11.71 38.46
N GLY A 427 -18.89 11.75 37.83
CA GLY A 427 -17.75 11.08 38.42
C GLY A 427 -17.75 9.57 38.32
N GLN A 428 -18.52 9.01 37.39
CA GLN A 428 -18.54 7.57 37.18
C GLN A 428 -18.27 7.28 35.71
N ASP A 429 -17.71 6.11 35.44
CA ASP A 429 -17.41 5.68 34.09
C ASP A 429 -18.61 4.93 33.56
N GLN A 430 -19.34 5.55 32.64
CA GLN A 430 -20.49 4.92 32.01
C GLN A 430 -20.14 4.55 30.57
N ILE A 431 -20.56 3.37 30.14
CA ILE A 431 -20.26 2.89 28.80
C ILE A 431 -21.26 3.47 27.82
N VAL A 432 -20.76 4.09 26.76
CA VAL A 432 -21.64 4.52 25.67
C VAL A 432 -22.09 3.26 24.93
N PRO A 433 -23.38 2.97 24.88
CA PRO A 433 -23.83 1.73 24.26
C PRO A 433 -23.67 1.76 22.74
N GLY A 434 -23.28 0.62 22.20
CA GLY A 434 -23.10 0.47 20.77
C GLY A 434 -21.91 1.18 20.17
N LEU A 435 -21.00 1.70 20.98
CA LEU A 435 -19.85 2.44 20.50
C LEU A 435 -18.57 1.80 21.02
N TYR A 436 -17.64 1.52 20.12
CA TYR A 436 -16.35 0.92 20.42
C TYR A 436 -15.28 1.74 19.72
N ALA A 437 -14.06 1.70 20.25
CA ALA A 437 -12.93 2.33 19.60
C ALA A 437 -11.69 1.48 19.79
N CYS A 438 -10.81 1.51 18.80
CA CYS A 438 -9.62 0.68 18.86
C CYS A 438 -8.51 1.34 18.04
N GLY A 439 -7.28 0.98 18.35
CA GLY A 439 -6.15 1.53 17.66
C GLY A 439 -5.69 2.85 18.24
N GLU A 440 -5.05 3.64 17.38
CA GLU A 440 -4.52 4.93 17.80
C GLU A 440 -5.64 5.90 18.16
N ALA A 441 -6.83 5.73 17.58
CA ALA A 441 -7.95 6.59 17.89
C ALA A 441 -8.40 6.44 19.34
N ALA A 442 -8.32 5.23 19.89
CA ALA A 442 -8.76 4.97 21.24
C ALA A 442 -7.69 5.36 22.25
N CYS A 443 -8.14 5.60 23.48
CA CYS A 443 -7.26 5.69 24.65
C CYS A 443 -7.85 4.76 25.70
N ALA A 444 -7.55 3.48 25.59
CA ALA A 444 -7.69 2.58 26.73
C ALA A 444 -6.67 2.87 27.79
N SER A 445 -5.69 3.72 27.48
CA SER A 445 -4.54 4.01 28.32
C SER A 445 -3.80 2.72 28.63
N VAL A 446 -3.56 1.97 27.57
CA VAL A 446 -2.51 0.98 27.60
C VAL A 446 -1.15 1.62 27.37
N HIS A 447 -1.12 2.88 26.95
CA HIS A 447 0.11 3.61 26.72
C HIS A 447 0.32 4.76 27.68
N GLY A 448 -0.73 5.24 28.33
CA GLY A 448 -0.57 6.27 29.33
C GLY A 448 0.07 7.51 28.77
N ALA A 449 1.14 7.94 29.43
CA ALA A 449 1.85 9.14 29.02
C ALA A 449 2.87 8.89 27.93
N ASN A 450 3.26 7.65 27.68
CA ASN A 450 4.30 7.36 26.70
C ASN A 450 4.13 5.96 26.16
N ARG A 451 4.11 5.82 24.84
CA ARG A 451 4.03 4.51 24.20
C ARG A 451 5.40 3.88 24.03
N LEU A 452 5.51 2.61 24.42
CA LEU A 452 6.69 1.81 24.08
C LEU A 452 6.66 1.42 22.62
N GLY A 453 7.83 1.36 22.01
CA GLY A 453 7.91 0.90 20.64
C GLY A 453 7.39 -0.51 20.49
N ALA A 454 6.77 -0.78 19.33
CA ALA A 454 6.14 -2.03 18.94
C ALA A 454 4.88 -2.36 19.71
N ASN A 455 4.46 -1.52 20.66
CA ASN A 455 3.23 -1.74 21.39
C ASN A 455 2.01 -1.21 20.66
N SER A 456 2.22 -0.40 19.63
CA SER A 456 1.09 0.20 18.88
C SER A 456 0.49 -0.80 17.88
N LEU A 457 1.31 -1.60 17.19
CA LEU A 457 0.78 -2.64 16.31
C LEU A 457 0.10 -3.73 17.12
N LEU A 458 0.71 -4.08 18.26
CA LEU A 458 0.08 -4.97 19.22
C LEU A 458 -1.24 -4.38 19.70
N ASP A 459 -1.25 -3.09 19.98
CA ASP A 459 -2.48 -2.41 20.36
C ASP A 459 -3.57 -2.66 19.35
N LEU A 460 -3.23 -2.50 18.06
CA LEU A 460 -4.22 -2.64 17.00
C LEU A 460 -4.80 -4.04 16.98
N VAL A 461 -3.95 -5.06 16.93
CA VAL A 461 -4.49 -6.43 16.81
C VAL A 461 -5.22 -6.84 18.08
N VAL A 462 -4.63 -6.59 19.25
CA VAL A 462 -5.23 -7.07 20.50
C VAL A 462 -6.56 -6.38 20.78
N PHE A 463 -6.70 -5.10 20.42
CA PHE A 463 -7.94 -4.44 20.78
C PHE A 463 -8.95 -4.39 19.64
N GLY A 464 -8.53 -4.60 18.40
CA GLY A 464 -9.50 -5.00 17.39
C GLY A 464 -10.13 -6.33 17.73
N ARG A 465 -9.31 -7.30 18.18
CA ARG A 465 -9.87 -8.55 18.70
C ARG A 465 -10.78 -8.28 19.89
N ALA A 466 -10.43 -7.32 20.73
CA ALA A 466 -11.25 -7.09 21.91
C ALA A 466 -12.59 -6.52 21.54
N CYS A 467 -12.64 -5.60 20.59
CA CYS A 467 -13.91 -5.07 20.12
C CYS A 467 -14.77 -6.15 19.48
N ALA A 468 -14.17 -6.96 18.61
CA ALA A 468 -14.92 -8.04 17.97
C ALA A 468 -15.44 -9.07 18.98
N LEU A 469 -14.60 -9.47 19.93
CA LEU A 469 -15.00 -10.45 20.93
C LEU A 469 -16.08 -9.90 21.85
N SER A 470 -15.95 -8.63 22.27
CA SER A 470 -16.98 -8.04 23.10
C SER A 470 -18.30 -7.93 22.36
N ILE A 471 -18.26 -7.58 21.07
CA ILE A 471 -19.49 -7.52 20.30
C ILE A 471 -20.12 -8.91 20.17
N GLU A 472 -19.31 -9.96 19.94
CA GLU A 472 -19.91 -11.27 19.77
C GLU A 472 -20.35 -11.89 21.08
N GLU A 473 -19.92 -11.35 22.22
CA GLU A 473 -20.48 -11.79 23.49
C GLU A 473 -21.63 -10.94 23.98
N SER A 474 -21.78 -9.71 23.50
CA SER A 474 -22.87 -8.87 23.96
C SER A 474 -24.07 -8.83 23.01
N CYS A 475 -23.88 -9.12 21.73
CA CYS A 475 -24.96 -9.09 20.76
C CYS A 475 -24.97 -10.35 19.91
N ARG A 476 -26.11 -10.59 19.25
CA ARG A 476 -26.37 -11.68 18.32
C ARG A 476 -26.48 -11.16 16.90
N PRO A 477 -25.96 -11.90 15.91
CA PRO A 477 -26.10 -11.47 14.51
C PRO A 477 -27.56 -11.44 14.09
N GLY A 478 -28.03 -10.27 13.66
CA GLY A 478 -29.40 -10.14 13.22
C GLY A 478 -30.29 -9.26 14.06
N ASP A 479 -29.75 -8.64 15.12
CA ASP A 479 -30.55 -7.78 15.97
C ASP A 479 -31.13 -6.62 15.17
N LYS A 480 -32.46 -6.47 15.24
CA LYS A 480 -33.15 -5.47 14.42
C LYS A 480 -32.70 -4.06 14.79
N VAL A 481 -32.12 -3.36 13.83
CA VAL A 481 -31.69 -1.97 14.04
C VAL A 481 -32.91 -1.12 14.42
N PRO A 482 -32.85 -0.36 15.52
CA PRO A 482 -33.97 0.50 15.90
C PRO A 482 -34.35 1.45 14.78
N PRO A 483 -35.60 1.87 14.72
CA PRO A 483 -36.00 2.86 13.69
C PRO A 483 -35.46 4.24 13.99
N ILE A 484 -34.39 4.63 13.30
CA ILE A 484 -33.78 5.94 13.47
C ILE A 484 -34.73 7.03 12.94
N LYS A 485 -34.63 8.23 13.52
CA LYS A 485 -35.45 9.33 13.11
C LYS A 485 -35.23 9.59 11.61
N PRO A 486 -36.17 10.21 10.91
CA PRO A 486 -36.02 10.37 9.47
C PRO A 486 -35.10 11.49 9.02
N ASN A 487 -34.46 12.21 9.94
CA ASN A 487 -33.56 13.30 9.60
C ASN A 487 -32.28 13.19 10.40
N ALA A 488 -31.85 11.97 10.67
CA ALA A 488 -30.65 11.76 11.45
C ALA A 488 -29.45 12.14 10.61
N GLY A 489 -28.51 12.86 11.20
CA GLY A 489 -27.34 13.26 10.45
C GLY A 489 -27.62 14.39 9.49
N GLU A 490 -28.61 15.23 9.77
CA GLU A 490 -28.85 16.38 8.92
C GLU A 490 -27.77 17.44 9.14
N GLU A 491 -27.35 17.63 10.39
CA GLU A 491 -26.35 18.66 10.67
C GLU A 491 -25.04 18.37 9.94
N SER A 492 -24.75 17.10 9.67
CA SER A 492 -23.55 16.76 8.94
C SER A 492 -23.69 17.12 7.48
N VAL A 493 -24.86 16.89 6.89
CA VAL A 493 -25.08 17.26 5.50
C VAL A 493 -25.16 18.78 5.34
N MET A 494 -25.76 19.46 6.31
CA MET A 494 -25.80 20.92 6.22
C MET A 494 -24.42 21.52 6.37
N ASN A 495 -23.55 20.89 7.16
CA ASN A 495 -22.19 21.39 7.26
C ASN A 495 -21.41 21.09 5.99
N LEU A 496 -21.58 19.90 5.43
CA LEU A 496 -20.94 19.57 4.17
C LEU A 496 -21.36 20.54 3.08
N ASP A 497 -22.62 20.97 3.10
CA ASP A 497 -23.08 21.94 2.11
C ASP A 497 -22.45 23.29 2.37
N LYS A 498 -22.50 23.75 3.63
CA LYS A 498 -21.96 25.04 3.99
C LYS A 498 -20.48 25.12 3.69
N LEU A 499 -19.82 23.98 3.52
CA LEU A 499 -18.40 23.93 3.20
C LEU A 499 -18.14 23.77 1.72
N ARG A 500 -19.05 23.10 1.01
CA ARG A 500 -18.94 22.97 -0.44
C ARG A 500 -19.23 24.28 -1.13
N PHE A 501 -20.03 25.14 -0.52
CA PHE A 501 -20.35 26.44 -1.08
C PHE A 501 -19.92 27.49 -0.06
N ALA A 502 -18.66 27.40 0.36
CA ALA A 502 -18.12 28.23 1.41
C ALA A 502 -17.28 29.35 0.81
N ASP A 503 -17.97 30.36 0.29
CA ASP A 503 -17.28 31.56 -0.15
C ASP A 503 -16.83 32.32 1.08
N GLY A 504 -15.57 32.72 1.11
CA GLY A 504 -15.01 33.38 2.28
C GLY A 504 -13.74 34.08 1.92
N SER A 505 -12.81 34.12 2.90
CA SER A 505 -11.58 34.88 2.70
C SER A 505 -10.33 34.03 2.87
N ILE A 506 -10.26 33.22 3.92
CA ILE A 506 -9.06 32.47 4.26
C ILE A 506 -9.14 31.09 3.63
N ARG A 507 -8.11 30.72 2.87
CA ARG A 507 -8.11 29.42 2.22
C ARG A 507 -7.94 28.30 3.25
N THR A 508 -8.35 27.09 2.84
CA THR A 508 -8.25 25.95 3.73
C THR A 508 -6.81 25.49 3.91
N SER A 509 -5.93 25.83 2.98
CA SER A 509 -4.53 25.44 3.11
C SER A 509 -3.83 26.38 4.07
N GLU A 510 -4.35 27.60 4.18
CA GLU A 510 -3.76 28.62 5.09
C GLU A 510 -4.26 28.43 6.52
N LEU A 511 -5.51 28.03 6.75
CA LEU A 511 -5.85 27.76 8.16
C LEU A 511 -5.10 26.52 8.66
N ARG A 512 -4.79 25.58 7.77
CA ARG A 512 -3.96 24.46 8.22
C ARG A 512 -2.59 25.04 8.57
N LEU A 513 -1.83 25.50 7.57
CA LEU A 513 -0.47 25.95 7.89
C LEU A 513 -0.44 26.84 9.13
N SER A 514 -1.45 27.69 9.30
CA SER A 514 -1.58 28.51 10.50
C SER A 514 -1.58 27.68 11.78
N MET A 515 -2.48 26.70 11.90
CA MET A 515 -2.51 25.94 13.16
C MET A 515 -1.27 25.06 13.25
N GLN A 516 -0.87 24.47 12.13
CA GLN A 516 0.25 23.55 12.11
C GLN A 516 1.50 24.24 12.65
N LYS A 517 1.69 25.51 12.33
CA LYS A 517 2.87 26.20 12.82
C LYS A 517 2.63 26.84 14.17
N SER A 518 1.37 27.01 14.56
CA SER A 518 1.13 27.53 15.89
C SER A 518 1.27 26.43 16.91
N MET A 519 1.06 25.19 16.48
CA MET A 519 1.26 24.05 17.35
C MET A 519 2.69 23.56 17.28
N GLN A 520 3.38 23.80 16.17
CA GLN A 520 4.79 23.46 16.09
C GLN A 520 5.60 24.42 16.94
N ASN A 521 5.11 25.64 17.14
CA ASN A 521 5.81 26.60 17.97
C ASN A 521 5.36 26.55 19.43
N HIS A 522 4.11 26.21 19.72
CA HIS A 522 3.59 26.35 21.06
C HIS A 522 3.27 25.04 21.76
N ALA A 523 3.25 23.91 21.06
CA ALA A 523 2.99 22.62 21.69
C ALA A 523 4.02 21.59 21.27
N ALA A 524 5.29 22.01 21.29
CA ALA A 524 6.40 21.19 20.85
C ALA A 524 6.87 20.29 22.00
N VAL A 525 8.07 19.71 21.87
CA VAL A 525 8.56 18.77 22.88
C VAL A 525 8.57 19.42 24.26
N PHE A 526 9.08 20.64 24.35
CA PHE A 526 9.10 21.37 25.61
C PHE A 526 8.07 22.48 25.62
N ARG A 527 7.40 22.61 26.76
CA ARG A 527 6.28 23.52 26.91
C ARG A 527 6.50 24.38 28.15
N VAL A 528 5.81 25.52 28.19
CA VAL A 528 5.88 26.48 29.28
C VAL A 528 4.62 27.34 29.26
N GLY A 529 3.93 27.44 30.39
CA GLY A 529 2.68 28.18 30.47
C GLY A 529 2.68 29.47 29.66
N SER A 530 3.69 30.31 29.90
CA SER A 530 3.80 31.61 29.23
C SER A 530 3.70 31.51 27.72
N VAL A 531 3.95 30.33 27.15
CA VAL A 531 3.83 30.11 25.72
C VAL A 531 2.66 29.19 25.40
N LEU A 532 2.31 28.27 26.29
CA LEU A 532 1.15 27.43 26.07
C LEU A 532 -0.13 28.24 26.11
N GLN A 533 -0.07 29.46 26.64
CA GLN A 533 -1.23 30.33 26.66
C GLN A 533 -1.28 31.17 25.41
N GLU A 534 -0.12 31.51 24.86
CA GLU A 534 -0.10 32.18 23.57
C GLU A 534 -0.64 31.22 22.53
N GLY A 535 -0.25 29.96 22.64
CA GLY A 535 -0.75 28.96 21.71
C GLY A 535 -2.23 28.75 21.87
N CYS A 536 -2.70 28.62 23.11
CA CYS A 536 -4.13 28.47 23.34
C CYS A 536 -4.90 29.61 22.67
N GLY A 537 -4.42 30.84 22.87
CA GLY A 537 -5.03 31.99 22.21
C GLY A 537 -5.04 31.85 20.70
N LYS A 538 -3.88 31.58 20.11
CA LYS A 538 -3.79 31.49 18.65
C LYS A 538 -4.73 30.43 18.12
N ILE A 539 -4.82 29.29 18.80
CA ILE A 539 -5.65 28.20 18.32
C ILE A 539 -7.12 28.58 18.43
N SER A 540 -7.55 29.11 19.58
CA SER A 540 -8.93 29.56 19.70
C SER A 540 -9.27 30.56 18.60
N LYS A 541 -8.33 31.43 18.26
CA LYS A 541 -8.64 32.45 17.25
C LYS A 541 -8.76 31.81 15.88
N LEU A 542 -7.81 30.94 15.52
CA LEU A 542 -7.90 30.27 14.24
C LEU A 542 -9.17 29.44 14.16
N TYR A 543 -9.61 28.88 15.28
CA TYR A 543 -10.88 28.16 15.29
C TYR A 543 -12.00 29.10 14.92
N GLY A 544 -12.07 30.24 15.60
CA GLY A 544 -13.05 31.25 15.23
C GLY A 544 -13.05 31.52 13.73
N ASP A 545 -11.86 31.55 13.14
CA ASP A 545 -11.71 31.83 11.71
C ASP A 545 -12.07 30.66 10.81
N LEU A 546 -12.67 29.60 11.35
CA LEU A 546 -13.16 28.49 10.53
C LEU A 546 -14.45 28.83 9.81
N LYS A 547 -15.00 30.03 10.03
CA LYS A 547 -16.19 30.49 9.35
C LYS A 547 -15.87 31.36 8.14
N HIS A 548 -14.64 31.85 8.05
CA HIS A 548 -14.15 32.64 6.92
C HIS A 548 -13.37 31.78 5.94
N LEU A 549 -13.82 30.56 5.71
CA LEU A 549 -13.12 29.62 4.86
C LEU A 549 -13.54 29.80 3.41
N LYS A 550 -12.59 29.57 2.52
CA LYS A 550 -12.82 29.70 1.08
C LYS A 550 -12.42 28.42 0.39
N THR A 551 -13.37 27.79 -0.28
CA THR A 551 -13.11 26.61 -1.09
C THR A 551 -13.40 26.96 -2.55
N PHE A 552 -12.76 26.23 -3.46
CA PHE A 552 -12.88 26.54 -4.88
C PHE A 552 -13.63 25.47 -5.67
N ASP A 553 -13.52 24.22 -5.29
CA ASP A 553 -14.14 23.12 -6.01
C ASP A 553 -15.60 22.99 -5.57
N ARG A 554 -16.53 23.17 -6.49
CA ARG A 554 -17.95 23.11 -6.19
C ARG A 554 -18.62 21.88 -6.78
N GLY A 555 -17.84 20.93 -7.28
CA GLY A 555 -18.41 19.70 -7.78
C GLY A 555 -18.64 18.69 -6.70
N MET A 556 -19.23 17.57 -7.08
CA MET A 556 -19.49 16.47 -6.17
C MET A 556 -18.51 15.32 -6.32
N VAL A 557 -18.09 15.01 -7.55
CA VAL A 557 -17.16 13.91 -7.75
C VAL A 557 -15.78 14.31 -7.28
N TRP A 558 -15.15 13.45 -6.49
CA TRP A 558 -13.80 13.65 -5.96
C TRP A 558 -13.47 15.08 -5.60
N ASN A 559 -14.39 15.71 -4.89
CA ASN A 559 -14.13 17.04 -4.35
C ASN A 559 -13.18 16.93 -3.17
N THR A 560 -11.87 16.94 -3.45
CA THR A 560 -10.91 16.82 -2.37
C THR A 560 -10.67 18.14 -1.66
N ASP A 561 -11.23 19.23 -2.18
CA ASP A 561 -11.16 20.49 -1.45
C ASP A 561 -12.17 20.46 -0.32
N LEU A 562 -13.23 19.69 -0.51
CA LEU A 562 -14.23 19.50 0.52
C LEU A 562 -13.70 18.47 1.51
N VAL A 563 -13.22 17.33 1.01
CA VAL A 563 -12.70 16.34 1.94
C VAL A 563 -11.60 16.93 2.82
N GLU A 564 -10.95 18.00 2.35
CA GLU A 564 -9.85 18.56 3.13
C GLU A 564 -10.29 19.71 4.00
N THR A 565 -11.40 20.37 3.68
CA THR A 565 -11.92 21.34 4.62
C THR A 565 -12.64 20.63 5.75
N LEU A 566 -13.13 19.42 5.49
CA LEU A 566 -13.73 18.62 6.55
C LEU A 566 -12.62 18.08 7.45
N GLU A 567 -11.49 17.71 6.84
CA GLU A 567 -10.39 17.22 7.66
C GLU A 567 -9.78 18.34 8.46
N LEU A 568 -9.99 19.60 8.06
CA LEU A 568 -9.48 20.71 8.82
C LEU A 568 -10.44 21.07 9.95
N GLN A 569 -11.73 20.79 9.77
CA GLN A 569 -12.64 21.00 10.88
C GLN A 569 -12.38 19.98 11.96
N ASN A 570 -11.85 18.82 11.59
CA ASN A 570 -11.53 17.80 12.60
C ASN A 570 -10.20 18.11 13.26
N LEU A 571 -9.23 18.57 12.48
CA LEU A 571 -7.93 18.92 13.02
C LEU A 571 -8.00 20.09 13.98
N MET A 572 -8.95 21.01 13.79
CA MET A 572 -8.99 22.16 14.69
C MET A 572 -9.63 21.78 16.02
N LEU A 573 -10.43 20.73 16.03
CA LEU A 573 -11.05 20.25 17.25
C LEU A 573 -10.08 19.39 18.04
N CYS A 574 -9.18 18.68 17.33
CA CYS A 574 -8.17 17.93 18.05
C CYS A 574 -7.05 18.83 18.56
N ALA A 575 -6.87 19.99 17.92
CA ALA A 575 -5.82 20.91 18.33
C ALA A 575 -6.26 21.76 19.50
N LEU A 576 -7.49 22.28 19.46
CA LEU A 576 -8.03 22.99 20.63
C LEU A 576 -7.85 22.17 21.90
N GLN A 577 -8.31 20.93 21.87
CA GLN A 577 -8.25 20.09 23.07
C GLN A 577 -6.82 19.77 23.47
N THR A 578 -5.96 19.42 22.52
CA THR A 578 -4.59 19.09 22.91
C THR A 578 -3.86 20.30 23.49
N ILE A 579 -4.09 21.51 22.95
CA ILE A 579 -3.40 22.68 23.47
C ILE A 579 -3.98 23.11 24.81
N TYR A 580 -5.26 22.81 25.07
CA TYR A 580 -5.78 23.25 26.34
C TYR A 580 -5.45 22.27 27.44
N GLY A 581 -5.54 20.97 27.14
CA GLY A 581 -5.12 19.99 28.12
C GLY A 581 -3.66 20.12 28.45
N ALA A 582 -2.84 20.51 27.46
CA ALA A 582 -1.42 20.70 27.72
C ALA A 582 -1.17 21.94 28.57
N GLU A 583 -1.84 23.05 28.27
CA GLU A 583 -1.70 24.23 29.11
C GLU A 583 -2.16 23.98 30.55
N ALA A 584 -3.24 23.23 30.73
CA ALA A 584 -3.81 23.01 32.05
C ALA A 584 -3.00 22.05 32.91
N ARG A 585 -2.35 21.05 32.32
CA ARG A 585 -1.61 20.03 33.06
C ARG A 585 -0.34 20.61 33.67
N LYS A 586 -0.41 21.01 34.94
CA LYS A 586 0.72 21.64 35.62
C LYS A 586 1.65 20.62 36.24
N GLU A 587 2.12 19.66 35.44
CA GLU A 587 3.11 18.69 35.88
C GLU A 587 3.95 18.31 34.67
N SER A 588 4.98 17.50 34.92
CA SER A 588 5.79 16.91 33.85
C SER A 588 5.72 15.40 33.98
N ARG A 589 5.09 14.75 33.02
CA ARG A 589 4.95 13.30 33.01
C ARG A 589 5.10 12.79 31.59
N GLY A 590 5.79 11.66 31.44
CA GLY A 590 5.91 11.04 30.13
C GLY A 590 6.33 12.02 29.07
N ALA A 591 5.55 12.08 28.00
CA ALA A 591 5.89 12.94 26.88
C ALA A 591 5.51 14.39 27.10
N HIS A 592 4.70 14.69 28.10
CA HIS A 592 4.34 16.06 28.45
C HIS A 592 5.40 16.60 29.41
N ALA A 593 6.35 17.39 28.87
CA ALA A 593 7.47 17.94 29.63
C ALA A 593 7.34 19.45 29.70
N ARG A 594 7.09 19.98 30.90
CA ARG A 594 6.96 21.41 31.11
C ARG A 594 8.14 21.95 31.90
N GLU A 595 8.70 23.07 31.47
CA GLU A 595 9.88 23.64 32.12
C GLU A 595 9.53 24.34 33.42
N ASP A 596 8.35 24.94 33.50
CA ASP A 596 7.94 25.69 34.68
C ASP A 596 7.36 24.80 35.78
N TYR A 597 7.05 23.54 35.46
CA TYR A 597 6.73 22.49 36.44
C TYR A 597 7.49 21.22 36.05
N LYS A 598 8.72 21.09 36.52
CA LYS A 598 9.62 20.01 36.08
C LYS A 598 9.52 18.79 36.97
N VAL A 599 8.34 18.43 37.47
CA VAL A 599 8.21 17.31 38.39
C VAL A 599 6.92 16.56 38.08
N ARG A 600 6.96 15.25 38.23
CA ARG A 600 5.78 14.40 38.10
C ARG A 600 5.06 14.32 39.44
N ILE A 601 3.90 14.95 39.53
CA ILE A 601 3.14 14.97 40.78
C ILE A 601 2.25 13.74 40.85
N ASP A 602 2.34 13.01 41.96
CA ASP A 602 1.52 11.85 42.22
C ASP A 602 0.91 12.00 43.62
N GLU A 603 -0.10 11.17 43.89
CA GLU A 603 -0.79 11.24 45.18
C GLU A 603 0.16 11.07 46.37
N TYR A 604 1.36 10.53 46.14
CA TYR A 604 2.42 10.50 47.13
C TYR A 604 3.69 11.04 46.51
N ASP A 605 4.70 11.24 47.34
CA ASP A 605 6.05 11.49 46.84
C ASP A 605 6.77 10.16 46.81
N TYR A 606 6.61 9.44 45.70
CA TYR A 606 7.07 8.06 45.62
C TYR A 606 8.58 7.94 45.65
N SER A 607 9.32 9.04 45.50
CA SER A 607 10.75 9.00 45.79
C SER A 607 11.01 8.68 47.25
N LYS A 608 10.25 9.28 48.13
CA LYS A 608 10.30 9.06 49.57
C LYS A 608 9.42 7.90 49.97
N PRO A 609 9.67 7.30 51.13
CA PRO A 609 8.76 6.27 51.64
C PRO A 609 7.35 6.83 51.79
N ILE A 610 6.36 6.00 51.45
CA ILE A 610 4.97 6.44 51.41
C ILE A 610 4.18 6.00 52.63
N GLN A 611 4.86 5.70 53.73
CA GLN A 611 4.19 5.28 54.96
C GLN A 611 3.68 6.49 55.76
N GLY A 612 4.55 7.44 56.05
CA GLY A 612 4.12 8.61 56.77
C GLY A 612 3.57 9.71 55.90
N GLN A 613 3.50 9.49 54.59
CA GLN A 613 2.98 10.50 53.66
C GLN A 613 1.46 10.60 53.76
N GLN A 614 0.97 11.83 53.60
CA GLN A 614 -0.47 12.07 53.47
C GLN A 614 -0.90 11.90 52.02
N LYS A 615 -1.89 11.04 51.80
CA LYS A 615 -2.40 10.78 50.46
C LYS A 615 -3.04 12.05 49.90
N LYS A 616 -2.38 12.68 48.95
CA LYS A 616 -2.90 13.90 48.36
C LYS A 616 -4.26 13.63 47.71
N PRO A 617 -5.24 14.49 47.92
CA PRO A 617 -6.58 14.26 47.34
C PRO A 617 -6.54 14.29 45.82
N PHE A 618 -7.50 13.57 45.23
CA PHE A 618 -7.58 13.46 43.77
C PHE A 618 -7.55 14.81 43.09
N GLU A 619 -8.11 15.84 43.73
CA GLU A 619 -8.19 17.14 43.09
C GLU A 619 -6.84 17.83 43.01
N GLU A 620 -5.86 17.42 43.81
CA GLU A 620 -4.56 18.07 43.85
C GLU A 620 -3.54 17.36 42.96
N HIS A 621 -3.30 16.07 43.21
CA HIS A 621 -2.29 15.36 42.44
C HIS A 621 -2.70 15.36 40.97
N TRP A 622 -1.72 15.10 40.10
CA TRP A 622 -1.96 15.13 38.67
C TRP A 622 -1.87 13.74 38.02
N ARG A 623 -2.06 12.67 38.78
CA ARG A 623 -2.08 11.32 38.21
C ARG A 623 -3.52 10.95 37.85
N LYS A 624 -4.03 11.65 36.83
CA LYS A 624 -5.40 11.50 36.40
C LYS A 624 -5.51 11.86 34.92
N HIS A 625 -6.43 11.21 34.24
CA HIS A 625 -6.65 11.41 32.82
C HIS A 625 -7.41 12.71 32.57
N THR A 626 -7.02 13.42 31.53
CA THR A 626 -7.65 14.69 31.16
C THR A 626 -8.80 14.43 30.20
N LEU A 627 -10.03 14.50 30.69
CA LEU A 627 -11.22 14.37 29.85
C LEU A 627 -11.56 15.73 29.25
N SER A 628 -11.49 15.83 27.93
CA SER A 628 -11.67 17.11 27.26
C SER A 628 -13.00 17.15 26.50
N TYR A 629 -13.65 18.31 26.53
CA TYR A 629 -14.87 18.54 25.78
C TYR A 629 -14.74 19.89 25.08
N VAL A 630 -15.36 20.00 23.91
CA VAL A 630 -15.39 21.23 23.15
C VAL A 630 -16.82 21.56 22.79
N ASP A 631 -17.29 22.73 23.18
CA ASP A 631 -18.55 23.24 22.64
C ASP A 631 -18.29 23.60 21.18
N VAL A 632 -18.80 22.79 20.25
CA VAL A 632 -18.44 22.95 18.84
C VAL A 632 -18.93 24.26 18.26
N GLY A 633 -19.91 24.91 18.89
CA GLY A 633 -20.33 26.22 18.43
C GLY A 633 -19.34 27.30 18.81
N THR A 634 -19.17 27.50 20.12
CA THR A 634 -18.29 28.54 20.64
C THR A 634 -16.82 28.14 20.59
N GLY A 635 -16.54 26.85 20.51
CA GLY A 635 -15.16 26.36 20.53
C GLY A 635 -14.46 26.57 21.85
N LYS A 636 -15.16 26.34 22.96
CA LYS A 636 -14.59 26.48 24.29
C LYS A 636 -14.39 25.08 24.86
N VAL A 637 -13.24 24.84 25.45
CA VAL A 637 -12.82 23.51 25.90
C VAL A 637 -12.93 23.42 27.42
N THR A 638 -13.88 22.63 27.89
CA THR A 638 -13.98 22.32 29.32
C THR A 638 -13.26 21.01 29.63
N LEU A 639 -12.48 21.01 30.71
CA LEU A 639 -11.62 19.88 31.07
C LEU A 639 -12.00 19.27 32.41
N GLU A 640 -12.48 18.03 32.38
CA GLU A 640 -12.73 17.18 33.53
C GLU A 640 -11.52 16.27 33.73
N TYR A 641 -11.53 15.51 34.82
CA TYR A 641 -10.40 14.64 35.15
C TYR A 641 -10.90 13.33 35.73
N ARG A 642 -10.41 12.22 35.18
CA ARG A 642 -10.82 10.87 35.54
C ARG A 642 -9.68 10.09 36.21
N PRO A 643 -9.95 9.20 37.16
CA PRO A 643 -8.85 8.51 37.83
C PRO A 643 -8.33 7.34 37.01
N VAL A 644 -7.04 7.06 37.18
CA VAL A 644 -6.39 5.98 36.45
C VAL A 644 -6.74 4.65 37.10
N ILE A 645 -7.14 3.68 36.28
CA ILE A 645 -7.50 2.36 36.77
C ILE A 645 -6.24 1.56 37.03
N ASP A 646 -6.02 1.16 38.28
CA ASP A 646 -4.80 0.47 38.67
C ASP A 646 -4.99 -1.01 38.91
N LYS A 647 -6.10 -1.42 39.52
CA LYS A 647 -6.37 -2.84 39.69
C LYS A 647 -6.36 -3.55 38.35
N THR A 648 -5.56 -4.60 38.26
CA THR A 648 -5.48 -5.37 37.03
C THR A 648 -6.70 -6.29 36.92
N LEU A 649 -6.74 -7.08 35.85
CA LEU A 649 -7.90 -7.94 35.63
C LEU A 649 -7.99 -9.02 36.68
N ASN A 650 -6.86 -9.59 37.08
CA ASN A 650 -6.82 -10.61 38.13
C ASN A 650 -5.75 -10.21 39.14
N GLU A 651 -6.19 -9.58 40.23
CA GLU A 651 -5.27 -9.11 41.27
C GLU A 651 -4.27 -10.19 41.69
N ALA A 652 -4.74 -11.43 41.81
CA ALA A 652 -3.86 -12.53 42.20
C ALA A 652 -2.81 -12.79 41.14
N ASP A 653 -3.19 -12.74 39.86
CA ASP A 653 -2.26 -13.04 38.78
C ASP A 653 -1.06 -12.10 38.77
N CYS A 654 -1.31 -10.81 38.55
CA CYS A 654 -0.24 -9.82 38.56
C CYS A 654 -0.71 -8.60 39.34
N ALA A 655 -0.11 -8.38 40.51
CA ALA A 655 -0.49 -7.27 41.37
C ALA A 655 -0.16 -5.94 40.71
N THR A 656 -0.91 -4.91 41.10
CA THR A 656 -0.66 -3.55 40.63
C THR A 656 0.79 -3.15 40.89
N VAL A 657 1.45 -2.64 39.85
CA VAL A 657 2.81 -2.13 39.98
C VAL A 657 2.79 -0.71 40.57
N PRO A 658 3.29 -0.53 41.79
CA PRO A 658 3.24 0.79 42.45
C PRO A 658 4.01 1.85 41.67
N PRO A 659 3.48 3.06 41.56
CA PRO A 659 4.22 4.13 40.88
C PRO A 659 5.60 4.35 41.49
N ALA A 660 6.60 4.44 40.64
CA ALA A 660 7.98 4.60 41.07
C ALA A 660 8.66 5.65 40.21
N ILE A 661 9.95 5.84 40.46
CA ILE A 661 10.76 6.86 39.78
C ILE A 661 11.16 6.30 38.42
N ARG A 662 10.51 6.77 37.36
CA ARG A 662 10.73 6.27 36.01
C ARG A 662 12.05 6.83 35.47
N SER A 663 13.16 6.27 35.95
CA SER A 663 14.49 6.64 35.50
C SER A 663 15.07 5.52 34.65
N TYR A 664 15.39 5.83 33.39
CA TYR A 664 16.02 4.83 32.52
C TYR A 664 17.53 5.07 32.49
N THR B 35 16.16 32.87 -4.63
CA THR B 35 16.67 33.85 -5.58
C THR B 35 16.74 33.24 -6.98
N ALA B 36 16.35 34.05 -7.98
CA ALA B 36 16.30 33.62 -9.38
C ALA B 36 15.47 32.35 -9.47
N PRO B 37 14.15 32.44 -9.30
CA PRO B 37 13.32 31.23 -9.21
C PRO B 37 13.45 30.35 -10.44
N ARG B 38 13.48 29.05 -10.20
CA ARG B 38 13.53 28.05 -11.25
C ARG B 38 12.11 27.53 -11.46
N ILE B 39 11.54 27.76 -12.62
CA ILE B 39 10.14 27.44 -12.88
C ILE B 39 10.06 26.36 -13.94
N LYS B 40 9.51 25.21 -13.56
CA LYS B 40 9.36 24.05 -14.42
C LYS B 40 7.91 23.99 -14.86
N LYS B 41 7.66 23.58 -16.09
CA LYS B 41 6.30 23.46 -16.58
C LYS B 41 5.75 22.07 -16.34
N PHE B 42 4.47 22.01 -15.96
CA PHE B 42 3.81 20.73 -15.71
C PHE B 42 2.52 20.66 -16.50
N ALA B 43 2.53 19.92 -17.61
CA ALA B 43 1.32 19.63 -18.35
C ALA B 43 0.63 18.47 -17.66
N ILE B 44 -0.58 18.69 -17.15
CA ILE B 44 -1.33 17.71 -16.36
C ILE B 44 -2.67 17.42 -17.03
N TYR B 45 -2.98 16.15 -17.19
CA TYR B 45 -4.25 15.70 -17.75
C TYR B 45 -5.44 16.08 -16.88
N ARG B 46 -6.30 16.96 -17.37
CA ARG B 46 -7.51 17.37 -16.66
C ARG B 46 -8.76 16.78 -17.30
N TRP B 47 -9.73 16.41 -16.46
CA TRP B 47 -11.10 16.11 -16.91
C TRP B 47 -12.04 16.22 -15.72
N ASP B 48 -13.06 17.09 -15.82
CA ASP B 48 -14.01 17.30 -14.74
C ASP B 48 -15.29 16.54 -15.04
N PRO B 49 -15.73 15.61 -14.20
CA PRO B 49 -17.00 14.91 -14.46
C PRO B 49 -18.23 15.77 -14.35
N ASP B 50 -18.20 16.86 -13.59
CA ASP B 50 -19.41 17.65 -13.39
C ASP B 50 -19.57 18.73 -14.44
N LYS B 51 -18.48 19.23 -15.00
CA LYS B 51 -18.56 20.16 -16.10
C LYS B 51 -19.15 19.44 -17.31
N ALA B 52 -20.31 19.91 -17.75
CA ALA B 52 -21.01 19.22 -18.83
C ALA B 52 -20.23 19.35 -20.13
N GLY B 53 -20.10 18.22 -20.83
CA GLY B 53 -19.38 18.23 -22.09
C GLY B 53 -17.88 18.43 -21.99
N ASP B 54 -17.31 18.41 -20.79
CA ASP B 54 -15.88 18.57 -20.64
C ASP B 54 -15.16 17.44 -21.36
N LYS B 55 -14.16 17.80 -22.18
CA LYS B 55 -13.32 16.83 -22.85
C LYS B 55 -11.94 16.85 -22.25
N PRO B 56 -11.32 15.68 -22.07
CA PRO B 56 -9.98 15.61 -21.50
C PRO B 56 -8.99 16.55 -22.17
N HIS B 57 -8.26 17.32 -21.36
CA HIS B 57 -7.32 18.26 -21.93
C HIS B 57 -6.05 18.19 -21.10
N MET B 58 -5.12 19.11 -21.38
CA MET B 58 -3.88 19.22 -20.64
C MET B 58 -3.75 20.66 -20.17
N GLN B 59 -3.72 20.87 -18.87
CA GLN B 59 -3.48 22.19 -18.31
C GLN B 59 -2.01 22.31 -17.92
N THR B 60 -1.42 23.48 -18.12
CA THR B 60 -0.04 23.69 -17.74
C THR B 60 0.08 24.59 -16.51
N TYR B 61 0.97 24.19 -15.60
CA TYR B 61 1.26 24.94 -14.38
C TYR B 61 2.77 25.10 -14.18
N GLU B 62 3.28 26.30 -14.39
CA GLU B 62 4.68 26.59 -14.10
C GLU B 62 4.87 26.62 -12.59
N VAL B 63 5.60 25.65 -12.05
CA VAL B 63 5.86 25.54 -10.62
C VAL B 63 7.28 25.99 -10.32
N ASP B 64 7.45 26.81 -9.30
CA ASP B 64 8.78 27.24 -8.89
C ASP B 64 9.47 26.11 -8.14
N LEU B 65 10.64 25.70 -8.61
CA LEU B 65 11.30 24.53 -8.03
C LEU B 65 12.04 24.81 -6.74
N ASN B 66 12.11 26.05 -6.30
CA ASN B 66 12.83 26.37 -5.08
C ASN B 66 11.92 26.32 -3.86
N LYS B 67 10.65 26.63 -4.07
CA LYS B 67 9.68 26.66 -2.95
C LYS B 67 8.84 25.36 -2.98
N CYS B 68 9.46 24.24 -3.34
CA CYS B 68 8.74 22.96 -3.35
C CYS B 68 9.72 21.83 -3.10
N GLY B 69 9.17 20.66 -2.77
CA GLY B 69 9.98 19.50 -2.55
C GLY B 69 10.53 18.93 -3.84
N PRO B 70 11.33 17.88 -3.72
CA PRO B 70 12.04 17.34 -4.88
C PRO B 70 11.24 16.41 -5.78
N MET B 71 10.22 15.74 -5.26
CA MET B 71 9.53 14.75 -6.06
C MET B 71 8.37 15.37 -6.83
N VAL B 72 7.69 14.55 -7.63
CA VAL B 72 6.61 15.08 -8.44
C VAL B 72 5.36 15.30 -7.59
N LEU B 73 5.15 14.51 -6.54
CA LEU B 73 3.95 14.69 -5.76
C LEU B 73 4.01 16.00 -5.01
N ASP B 74 5.20 16.57 -4.88
CA ASP B 74 5.34 17.81 -4.15
C ASP B 74 4.95 18.98 -5.04
N ALA B 75 5.19 18.87 -6.33
CA ALA B 75 4.69 19.86 -7.27
C ALA B 75 3.17 19.78 -7.35
N LEU B 76 2.62 18.57 -7.37
CA LEU B 76 1.17 18.42 -7.48
C LEU B 76 0.48 18.94 -6.23
N ILE B 77 1.03 18.65 -5.05
CA ILE B 77 0.45 19.15 -3.81
C ILE B 77 0.62 20.65 -3.71
N LYS B 78 1.59 21.20 -4.41
CA LYS B 78 1.80 22.64 -4.37
C LYS B 78 0.81 23.32 -5.30
N ILE B 79 0.62 22.77 -6.50
CA ILE B 79 -0.40 23.29 -7.40
C ILE B 79 -1.77 23.21 -6.73
N LYS B 80 -2.00 22.18 -5.93
CA LYS B 80 -3.32 22.04 -5.33
C LYS B 80 -3.50 22.97 -4.14
N ASN B 81 -2.43 23.32 -3.43
CA ASN B 81 -2.56 24.14 -2.24
C ASN B 81 -2.34 25.61 -2.52
N GLU B 82 -1.78 25.96 -3.68
CA GLU B 82 -1.41 27.33 -3.94
C GLU B 82 -1.87 27.88 -5.29
N VAL B 83 -2.21 27.04 -6.27
CA VAL B 83 -2.54 27.57 -7.58
C VAL B 83 -3.95 27.20 -7.99
N ASP B 84 -4.17 25.90 -8.29
CA ASP B 84 -5.50 25.37 -8.72
C ASP B 84 -5.99 24.36 -7.69
N SER B 85 -6.95 24.74 -6.86
CA SER B 85 -7.43 23.88 -5.78
C SER B 85 -8.49 22.91 -6.25
N THR B 86 -8.36 22.42 -7.48
CA THR B 86 -9.35 21.47 -8.03
C THR B 86 -8.61 20.32 -8.70
N LEU B 87 -7.29 20.31 -8.66
CA LEU B 87 -6.51 19.22 -9.22
C LEU B 87 -6.69 18.00 -8.33
N THR B 88 -7.21 16.92 -8.90
CA THR B 88 -7.56 15.73 -8.14
C THR B 88 -6.57 14.61 -8.41
N PHE B 89 -5.98 14.08 -7.34
CA PHE B 89 -5.07 12.96 -7.40
C PHE B 89 -5.12 12.26 -6.05
N ARG B 90 -4.63 11.03 -6.02
CA ARG B 90 -4.57 10.24 -4.79
C ARG B 90 -3.19 10.33 -4.18
N ARG B 91 -3.13 10.57 -2.88
CA ARG B 91 -1.84 10.69 -2.17
C ARG B 91 -2.10 10.21 -0.76
N SER B 92 -1.11 9.63 -0.11
CA SER B 92 -1.36 9.29 1.28
C SER B 92 -0.10 9.24 2.13
N CYS B 93 0.94 8.52 1.70
CA CYS B 93 2.16 8.33 2.48
C CYS B 93 3.27 9.30 2.16
N ARG B 94 3.51 9.58 0.87
CA ARG B 94 4.56 10.54 0.44
C ARG B 94 5.95 9.94 0.68
N GLU B 95 6.07 8.61 0.68
CA GLU B 95 7.34 7.92 0.82
C GLU B 95 7.42 6.68 -0.06
N GLY B 96 6.38 6.38 -0.83
CA GLY B 96 6.31 5.24 -1.73
C GLY B 96 6.08 3.88 -1.13
N ILE B 97 5.35 3.81 -0.01
CA ILE B 97 5.12 2.57 0.71
C ILE B 97 3.70 2.05 0.56
N CYS B 98 2.82 2.77 -0.14
CA CYS B 98 1.42 2.40 -0.23
C CYS B 98 0.84 2.46 -1.63
N GLY B 99 1.49 3.12 -2.57
CA GLY B 99 1.08 3.19 -3.94
C GLY B 99 -0.26 3.80 -4.25
N SER B 100 -0.57 4.94 -3.65
CA SER B 100 -1.79 5.64 -4.02
C SER B 100 -1.53 6.65 -5.11
N CYS B 101 -0.30 7.16 -5.18
CA CYS B 101 0.09 8.16 -6.15
C CYS B 101 0.64 7.56 -7.41
N ALA B 102 0.01 6.53 -7.95
CA ALA B 102 0.52 5.90 -9.15
C ALA B 102 -0.07 6.63 -10.34
N MET B 103 0.78 7.02 -11.28
CA MET B 103 0.33 7.75 -12.44
C MET B 103 1.33 7.53 -13.55
N ASN B 104 1.14 8.21 -14.68
CA ASN B 104 2.02 8.12 -15.83
C ASN B 104 2.82 9.41 -16.02
N ILE B 105 3.93 9.52 -15.30
CA ILE B 105 4.78 10.71 -15.40
C ILE B 105 5.79 10.50 -16.52
N ASN B 106 5.81 11.41 -17.48
CA ASN B 106 6.73 11.42 -18.63
C ASN B 106 6.69 10.12 -19.44
N GLY B 107 5.61 9.37 -19.35
CA GLY B 107 5.44 8.16 -20.12
C GLY B 107 5.78 6.87 -19.40
N GLY B 108 5.86 6.89 -18.08
CA GLY B 108 6.23 5.73 -17.30
C GLY B 108 5.37 5.65 -16.07
N ASN B 109 4.78 4.49 -15.79
CA ASN B 109 3.98 4.32 -14.59
C ASN B 109 4.88 4.27 -13.36
N THR B 110 4.87 5.35 -12.59
CA THR B 110 5.74 5.48 -11.43
C THR B 110 5.04 6.24 -10.33
N LEU B 111 5.14 5.71 -9.11
CA LEU B 111 4.65 6.41 -7.93
C LEU B 111 5.16 7.84 -7.95
N ALA B 112 4.25 8.81 -7.88
CA ALA B 112 4.68 10.20 -8.00
C ALA B 112 5.43 10.71 -6.79
N CYS B 113 5.25 10.09 -5.63
CA CYS B 113 5.91 10.54 -4.42
C CYS B 113 7.40 10.24 -4.42
N THR B 114 7.85 9.29 -5.25
CA THR B 114 9.24 8.92 -5.36
C THR B 114 9.88 9.28 -6.69
N ARG B 115 9.15 9.90 -7.61
CA ARG B 115 9.72 10.33 -8.88
C ARG B 115 10.25 11.75 -8.74
N ARG B 116 11.57 11.92 -8.83
CA ARG B 116 12.17 13.25 -8.75
C ARG B 116 11.75 14.10 -9.93
N ILE B 117 11.51 15.39 -9.67
CA ILE B 117 11.27 16.33 -10.75
C ILE B 117 12.54 16.49 -11.56
N ASP B 118 12.41 16.37 -12.87
CA ASP B 118 13.50 16.64 -13.79
C ASP B 118 13.84 18.12 -13.75
N THR B 119 14.96 18.47 -13.13
CA THR B 119 15.35 19.86 -12.93
C THR B 119 15.81 20.53 -14.21
N ASN B 120 15.67 19.86 -15.35
CA ASN B 120 15.97 20.44 -16.65
C ASN B 120 14.77 21.26 -17.06
N LEU B 121 14.88 22.58 -16.97
CA LEU B 121 13.72 23.45 -17.10
C LEU B 121 13.40 23.77 -18.54
N ASN B 122 13.82 22.94 -19.49
CA ASN B 122 13.42 23.06 -20.88
C ASN B 122 12.43 21.97 -21.25
N LYS B 123 11.91 21.26 -20.27
CA LYS B 123 10.97 20.18 -20.45
C LYS B 123 9.66 20.52 -19.78
N VAL B 124 8.60 19.83 -20.18
CA VAL B 124 7.29 19.99 -19.59
C VAL B 124 6.83 18.61 -19.13
N SER B 125 6.86 18.37 -17.82
CA SER B 125 6.44 17.07 -17.31
C SER B 125 5.03 16.76 -17.79
N LYS B 126 4.83 15.54 -18.32
CA LYS B 126 3.51 15.10 -18.78
C LYS B 126 2.86 14.20 -17.75
N ILE B 127 2.24 14.80 -16.73
CA ILE B 127 1.49 14.06 -15.73
C ILE B 127 0.19 13.54 -16.37
N TYR B 128 0.03 12.22 -16.38
CA TYR B 128 -1.10 11.52 -16.99
C TYR B 128 -1.59 10.43 -16.05
N PRO B 129 -2.89 10.13 -16.05
CA PRO B 129 -3.38 8.99 -15.28
C PRO B 129 -2.85 7.68 -15.83
N LEU B 130 -2.93 6.64 -15.00
CA LEU B 130 -2.55 5.27 -15.39
C LEU B 130 -3.14 5.00 -16.77
N PRO B 131 -2.41 4.31 -17.65
CA PRO B 131 -2.88 4.14 -19.03
C PRO B 131 -4.00 3.13 -19.24
N HIS B 132 -4.97 3.52 -20.07
CA HIS B 132 -6.08 2.66 -20.48
C HIS B 132 -6.94 2.26 -19.29
N MET B 133 -7.29 3.25 -18.46
CA MET B 133 -8.16 2.99 -17.29
C MET B 133 -9.16 4.13 -17.15
N TYR B 134 -10.42 3.80 -16.83
CA TYR B 134 -11.45 4.83 -16.71
C TYR B 134 -11.10 5.82 -15.61
N VAL B 135 -11.24 7.10 -15.90
CA VAL B 135 -10.81 8.14 -14.99
C VAL B 135 -12.01 8.68 -14.24
N ILE B 136 -11.89 8.75 -12.92
CA ILE B 136 -12.94 9.36 -12.12
C ILE B 136 -12.85 10.88 -12.19
N LYS B 137 -11.64 11.43 -12.01
CA LYS B 137 -11.43 12.85 -12.18
C LYS B 137 -9.94 13.19 -12.24
N ASP B 138 -9.49 13.63 -13.42
CA ASP B 138 -8.18 14.21 -13.74
C ASP B 138 -7.01 13.26 -13.69
N LEU B 139 -6.86 12.56 -12.59
CA LEU B 139 -5.69 11.72 -12.38
C LEU B 139 -6.05 10.48 -11.60
N VAL B 140 -7.30 10.34 -11.19
CA VAL B 140 -7.75 9.27 -10.32
C VAL B 140 -8.37 8.20 -11.21
N PRO B 141 -7.72 7.06 -11.39
CA PRO B 141 -8.33 5.98 -12.18
C PRO B 141 -9.29 5.13 -11.36
N ASP B 142 -10.25 4.54 -12.05
CA ASP B 142 -11.18 3.59 -11.43
C ASP B 142 -10.48 2.26 -11.26
N LEU B 143 -9.98 2.00 -10.06
CA LEU B 143 -9.24 0.78 -9.75
C LEU B 143 -10.10 -0.35 -9.22
N SER B 144 -11.43 -0.26 -9.27
CA SER B 144 -12.24 -1.26 -8.59
C SER B 144 -12.24 -2.62 -9.28
N ASN B 145 -11.88 -2.69 -10.56
CA ASN B 145 -11.73 -4.00 -11.19
C ASN B 145 -10.40 -4.63 -10.82
N PHE B 146 -9.38 -3.81 -10.69
CA PHE B 146 -8.08 -4.29 -10.22
C PHE B 146 -8.22 -4.94 -8.84
N TYR B 147 -8.97 -4.29 -7.96
CA TYR B 147 -9.18 -4.82 -6.62
C TYR B 147 -10.09 -6.05 -6.64
N ALA B 148 -11.10 -6.07 -7.51
CA ALA B 148 -11.95 -7.25 -7.59
C ALA B 148 -11.20 -8.46 -8.13
N GLN B 149 -10.30 -8.25 -9.08
CA GLN B 149 -9.47 -9.34 -9.56
C GLN B 149 -8.52 -9.82 -8.47
N TYR B 150 -7.97 -8.91 -7.68
CA TYR B 150 -7.18 -9.33 -6.52
C TYR B 150 -7.99 -10.19 -5.57
N LYS B 151 -9.24 -9.82 -5.34
CA LYS B 151 -10.11 -10.62 -4.47
C LYS B 151 -10.36 -11.99 -5.06
N SER B 152 -10.41 -12.11 -6.39
CA SER B 152 -10.79 -13.36 -7.03
C SER B 152 -9.73 -14.46 -6.88
N ILE B 153 -8.45 -14.11 -6.76
CA ILE B 153 -7.40 -15.12 -6.58
C ILE B 153 -7.31 -15.69 -5.17
N GLU B 154 -8.17 -15.28 -4.24
CA GLU B 154 -8.19 -15.73 -2.85
C GLU B 154 -6.88 -15.45 -2.15
N PRO B 155 -6.57 -14.19 -1.86
CA PRO B 155 -5.27 -13.82 -1.30
C PRO B 155 -5.16 -14.04 0.20
N TYR B 156 -5.37 -15.26 0.64
CA TYR B 156 -5.28 -15.57 2.07
C TYR B 156 -4.79 -16.99 2.25
N LEU B 157 -4.25 -17.28 3.43
CA LEU B 157 -3.78 -18.62 3.73
C LEU B 157 -4.93 -19.59 3.83
N LYS B 158 -4.82 -20.69 3.11
CA LYS B 158 -5.79 -21.77 3.13
C LYS B 158 -5.11 -23.00 3.66
N LYS B 159 -5.69 -23.60 4.68
CA LYS B 159 -5.17 -24.84 5.24
C LYS B 159 -6.26 -25.89 5.15
N LYS B 160 -5.84 -27.14 4.93
CA LYS B 160 -6.81 -28.22 4.85
C LYS B 160 -7.46 -28.49 6.20
N ASP B 161 -6.68 -28.43 7.27
CA ASP B 161 -7.17 -28.56 8.64
C ASP B 161 -7.07 -27.19 9.28
N GLU B 162 -8.21 -26.53 9.45
CA GLU B 162 -8.25 -25.19 10.04
C GLU B 162 -8.76 -25.19 11.47
N SER B 163 -8.83 -26.36 12.12
CA SER B 163 -9.22 -26.39 13.52
C SER B 163 -8.10 -25.92 14.44
N GLN B 164 -6.83 -26.09 14.04
CA GLN B 164 -5.71 -25.63 14.83
C GLN B 164 -5.26 -24.21 14.52
N GLU B 165 -6.14 -23.38 13.96
CA GLU B 165 -5.80 -22.01 13.60
C GLU B 165 -5.65 -21.15 14.85
N GLY B 166 -4.47 -20.57 15.03
CA GLY B 166 -4.23 -19.67 16.14
C GLY B 166 -3.68 -20.28 17.39
N LYS B 167 -3.36 -21.58 17.38
CA LYS B 167 -2.90 -22.25 18.59
C LYS B 167 -1.39 -22.45 18.63
N GLN B 168 -0.76 -22.60 17.47
CA GLN B 168 0.66 -22.91 17.36
C GLN B 168 1.26 -22.14 16.20
N GLN B 169 2.50 -21.69 16.37
CA GLN B 169 3.25 -21.00 15.32
C GLN B 169 3.60 -21.98 14.21
N TYR B 170 2.89 -21.94 13.08
CA TYR B 170 3.26 -22.78 11.94
C TYR B 170 4.75 -22.64 11.67
N LEU B 171 5.45 -23.77 11.63
CA LEU B 171 6.88 -23.72 11.41
C LEU B 171 7.19 -23.53 9.93
N GLN B 172 8.17 -22.67 9.65
CA GLN B 172 8.65 -22.51 8.28
C GLN B 172 10.13 -22.15 8.32
N SER B 173 10.94 -22.90 7.59
CA SER B 173 12.39 -22.74 7.56
C SER B 173 12.78 -21.38 6.99
N ILE B 174 14.00 -20.94 7.32
CA ILE B 174 14.49 -19.69 6.74
C ILE B 174 14.73 -19.83 5.23
N GLU B 175 15.00 -21.05 4.76
CA GLU B 175 15.16 -21.23 3.33
C GLU B 175 13.82 -21.24 2.64
N GLU B 176 12.78 -21.70 3.33
CA GLU B 176 11.46 -21.74 2.73
C GLU B 176 10.75 -20.41 2.92
N ARG B 177 11.25 -19.58 3.83
CA ARG B 177 10.75 -18.23 4.01
C ARG B 177 11.39 -17.29 3.01
N GLU B 178 12.57 -17.65 2.49
CA GLU B 178 13.22 -16.78 1.52
C GLU B 178 12.49 -16.81 0.19
N LYS B 179 11.71 -17.86 -0.07
CA LYS B 179 10.99 -17.97 -1.33
C LYS B 179 10.03 -16.81 -1.53
N LEU B 180 9.53 -16.21 -0.46
CA LEU B 180 8.53 -15.15 -0.58
C LEU B 180 9.15 -13.75 -0.62
N ASP B 181 10.48 -13.66 -0.61
CA ASP B 181 11.12 -12.36 -0.76
C ASP B 181 10.88 -11.85 -2.17
N GLY B 182 10.85 -10.54 -2.31
CA GLY B 182 10.52 -9.96 -3.58
C GLY B 182 9.10 -10.17 -4.02
N LEU B 183 8.31 -10.95 -3.29
CA LEU B 183 6.96 -11.28 -3.67
C LEU B 183 5.92 -10.77 -2.71
N TYR B 184 6.23 -10.66 -1.43
CA TYR B 184 5.21 -10.22 -0.49
C TYR B 184 5.18 -8.71 -0.32
N GLU B 185 6.11 -8.00 -0.96
CA GLU B 185 6.30 -6.56 -0.80
C GLU B 185 5.51 -5.74 -1.82
N CYS B 186 4.51 -6.33 -2.45
CA CYS B 186 3.70 -5.60 -3.41
C CYS B 186 2.81 -4.60 -2.68
N ILE B 187 2.80 -3.37 -3.17
CA ILE B 187 1.97 -2.31 -2.62
C ILE B 187 0.69 -2.11 -3.40
N LEU B 188 0.40 -2.97 -4.36
CA LEU B 188 -0.82 -2.92 -5.19
C LEU B 188 -1.09 -1.53 -5.76
N CYS B 189 -0.11 -1.01 -6.47
CA CYS B 189 -0.23 0.29 -7.07
C CYS B 189 -0.68 0.26 -8.52
N ALA B 190 -0.85 -0.93 -9.10
CA ALA B 190 -1.30 -1.13 -10.48
C ALA B 190 -0.34 -0.59 -11.54
N CYS B 191 0.77 0.03 -11.14
CA CYS B 191 1.73 0.53 -12.10
C CYS B 191 2.13 -0.55 -13.10
N CYS B 192 2.24 -1.79 -12.64
CA CYS B 192 2.60 -2.89 -13.52
C CYS B 192 1.43 -3.36 -14.38
N SER B 193 0.24 -3.50 -13.81
CA SER B 193 -0.89 -4.02 -14.58
C SER B 193 -1.32 -3.04 -15.65
N THR B 194 -1.27 -1.76 -15.36
CA THR B 194 -1.69 -0.75 -16.33
C THR B 194 -0.60 -0.37 -17.29
N SER B 195 0.47 -1.16 -17.36
CA SER B 195 1.53 -1.00 -18.33
C SER B 195 1.60 -2.23 -19.21
N CYS B 196 0.87 -3.27 -18.91
CA CYS B 196 0.86 -4.56 -19.58
C CYS B 196 -0.04 -4.46 -20.80
N PRO B 197 0.36 -4.50 -22.05
CA PRO B 197 -0.50 -4.46 -23.22
C PRO B 197 -1.55 -5.53 -23.24
N SER B 198 -1.38 -6.62 -22.50
CA SER B 198 -2.37 -7.69 -22.50
C SER B 198 -3.50 -7.39 -21.55
N TYR B 199 -3.24 -6.56 -20.53
CA TYR B 199 -4.24 -6.15 -19.59
C TYR B 199 -5.07 -5.02 -20.15
N TRP B 200 -4.49 -4.29 -21.10
CA TRP B 200 -5.22 -3.26 -21.81
C TRP B 200 -6.28 -3.89 -22.69
N TRP B 201 -5.88 -4.89 -23.46
CA TRP B 201 -6.78 -5.51 -24.41
C TRP B 201 -7.80 -6.35 -23.67
N ASN B 202 -7.33 -7.27 -22.83
CA ASN B 202 -8.20 -8.22 -22.16
C ASN B 202 -8.14 -8.07 -20.66
N GLY B 203 -8.34 -6.86 -20.15
CA GLY B 203 -8.36 -6.70 -18.72
C GLY B 203 -9.67 -7.11 -18.13
N ASP B 204 -10.62 -7.52 -18.97
CA ASP B 204 -11.87 -8.03 -18.47
C ASP B 204 -11.70 -9.40 -17.87
N LYS B 205 -10.82 -10.20 -18.46
CA LYS B 205 -10.60 -11.60 -18.12
C LYS B 205 -9.17 -11.91 -17.71
N TYR B 206 -8.19 -11.16 -18.17
CA TYR B 206 -6.82 -11.37 -17.73
C TYR B 206 -6.62 -10.67 -16.41
N LEU B 207 -5.82 -11.28 -15.55
CA LEU B 207 -5.68 -10.77 -14.20
C LEU B 207 -4.58 -9.74 -14.07
N GLY B 208 -3.57 -9.81 -14.91
CA GLY B 208 -2.53 -8.82 -14.87
C GLY B 208 -1.39 -9.25 -14.00
N PRO B 209 -0.25 -8.59 -14.17
CA PRO B 209 0.95 -9.00 -13.44
C PRO B 209 0.89 -8.86 -11.93
N ALA B 210 0.19 -7.87 -11.38
CA ALA B 210 0.15 -7.70 -9.93
C ALA B 210 -0.66 -8.78 -9.25
N VAL B 211 -1.86 -9.04 -9.76
CA VAL B 211 -2.72 -10.06 -9.19
C VAL B 211 -2.10 -11.43 -9.38
N LEU B 212 -1.48 -11.67 -10.53
CA LEU B 212 -0.86 -12.96 -10.78
C LEU B 212 0.34 -13.15 -9.86
N MET B 213 1.19 -12.14 -9.73
CA MET B 213 2.31 -12.20 -8.80
C MET B 213 1.83 -12.61 -7.41
N GLN B 214 0.74 -11.97 -6.93
CA GLN B 214 0.17 -12.34 -5.63
C GLN B 214 -0.30 -13.79 -5.60
N ALA B 215 -1.01 -14.22 -6.64
CA ALA B 215 -1.40 -15.62 -6.74
C ALA B 215 -0.19 -16.51 -6.53
N TYR B 216 0.90 -16.24 -7.27
CA TYR B 216 2.15 -16.97 -7.12
C TYR B 216 2.58 -16.96 -5.66
N ARG B 217 2.65 -15.77 -5.07
CA ARG B 217 3.08 -15.60 -3.69
C ARG B 217 2.40 -16.62 -2.82
N TRP B 218 1.08 -16.70 -2.97
CA TRP B 218 0.28 -17.62 -2.17
C TRP B 218 0.64 -19.07 -2.47
N MET B 219 0.73 -19.41 -3.77
CA MET B 219 1.09 -20.77 -4.18
C MET B 219 2.33 -21.31 -3.48
N ILE B 220 3.38 -20.51 -3.37
CA ILE B 220 4.65 -20.96 -2.80
C ILE B 220 4.80 -20.58 -1.34
N ASP B 221 3.73 -20.21 -0.66
CA ASP B 221 3.80 -20.09 0.78
C ASP B 221 3.83 -21.48 1.38
N SER B 222 4.91 -21.79 2.10
CA SER B 222 5.07 -23.14 2.63
C SER B 222 3.92 -23.60 3.51
N ARG B 223 3.09 -22.68 4.01
CA ARG B 223 2.02 -23.02 4.92
C ARG B 223 0.68 -23.19 4.22
N ASP B 224 0.61 -22.95 2.93
CA ASP B 224 -0.64 -23.02 2.19
C ASP B 224 -0.87 -24.46 1.76
N ASP B 225 -2.13 -24.89 1.76
CA ASP B 225 -2.46 -26.28 1.44
C ASP B 225 -3.42 -26.38 0.28
N PHE B 226 -3.44 -25.36 -0.58
CA PHE B 226 -4.26 -25.32 -1.77
C PHE B 226 -3.38 -24.78 -2.89
N THR B 227 -2.30 -25.49 -3.21
CA THR B 227 -1.38 -25.04 -4.24
C THR B 227 -1.64 -25.74 -5.56
N GLU B 228 -2.39 -26.82 -5.53
CA GLU B 228 -2.83 -27.53 -6.72
C GLU B 228 -4.27 -27.20 -7.06
N GLU B 229 -4.88 -26.31 -6.29
CA GLU B 229 -6.21 -25.77 -6.49
C GLU B 229 -6.18 -24.29 -6.79
N ARG B 230 -5.07 -23.63 -6.47
CA ARG B 230 -4.85 -22.25 -6.84
C ARG B 230 -4.39 -22.17 -8.28
N LEU B 231 -3.79 -23.26 -8.75
CA LEU B 231 -3.31 -23.40 -10.12
C LEU B 231 -4.48 -23.73 -11.03
N ALA B 232 -5.28 -24.73 -10.66
CA ALA B 232 -6.48 -25.11 -11.37
C ALA B 232 -7.33 -23.91 -11.76
N LYS B 233 -7.39 -22.89 -10.91
CA LYS B 233 -8.26 -21.75 -11.17
C LYS B 233 -7.76 -20.91 -12.34
N LEU B 234 -6.55 -21.16 -12.83
CA LEU B 234 -5.98 -20.39 -13.92
C LEU B 234 -5.98 -21.17 -15.22
N GLN B 235 -6.76 -22.25 -15.30
CA GLN B 235 -6.77 -23.11 -16.48
C GLN B 235 -7.84 -22.71 -17.48
N ASP B 236 -7.90 -21.44 -17.80
CA ASP B 236 -8.76 -20.94 -18.86
C ASP B 236 -7.87 -20.12 -19.78
N PRO B 237 -8.29 -19.88 -21.02
CA PRO B 237 -7.40 -19.20 -21.97
C PRO B 237 -7.13 -17.74 -21.64
N PHE B 238 -7.58 -17.21 -20.52
CA PHE B 238 -7.48 -15.77 -20.32
C PHE B 238 -6.88 -15.37 -18.99
N SER B 239 -7.17 -16.09 -17.90
CA SER B 239 -6.75 -15.63 -16.58
C SER B 239 -5.23 -15.47 -16.51
N LEU B 240 -4.50 -16.53 -16.85
CA LEU B 240 -3.05 -16.48 -16.85
C LEU B 240 -2.45 -16.43 -18.22
N TYR B 241 -3.11 -17.02 -19.21
CA TYR B 241 -2.46 -17.23 -20.50
C TYR B 241 -2.72 -16.13 -21.51
N ARG B 242 -2.61 -14.89 -21.08
CA ARG B 242 -2.63 -13.72 -21.93
C ARG B 242 -1.31 -13.02 -21.83
N CYS B 243 -0.51 -13.63 -20.92
CA CYS B 243 0.82 -13.05 -20.74
C CYS B 243 1.68 -13.65 -21.83
N HIS B 244 2.40 -12.66 -22.55
CA HIS B 244 3.31 -13.21 -23.53
C HIS B 244 4.68 -12.58 -23.34
N THR B 245 5.04 -12.45 -22.07
CA THR B 245 6.34 -12.05 -21.59
C THR B 245 6.82 -10.71 -22.18
N ILE B 246 5.89 -9.79 -22.45
CA ILE B 246 6.30 -8.44 -22.82
C ILE B 246 7.23 -7.84 -21.77
N MET B 247 7.15 -8.35 -20.54
CA MET B 247 8.01 -7.92 -19.43
C MET B 247 7.99 -6.41 -19.26
N ASN B 248 6.85 -5.80 -19.54
CA ASN B 248 6.63 -4.37 -19.35
C ASN B 248 6.18 -4.06 -17.95
N CYS B 249 6.13 -5.10 -17.09
CA CYS B 249 5.66 -4.97 -15.68
C CYS B 249 6.85 -4.94 -14.73
N THR B 250 7.92 -5.57 -15.14
CA THR B 250 9.07 -5.64 -14.28
C THR B 250 9.83 -4.32 -14.32
N ARG B 251 9.81 -3.64 -15.47
CA ARG B 251 10.48 -2.34 -15.60
C ARG B 251 9.76 -1.24 -14.87
N THR B 252 8.43 -1.21 -14.95
CA THR B 252 7.68 -0.10 -14.38
C THR B 252 7.50 -0.24 -12.88
N CYS B 253 7.83 -1.38 -12.30
CA CYS B 253 7.56 -1.59 -10.89
C CYS B 253 8.36 -0.58 -10.10
N PRO B 254 7.72 0.37 -9.43
CA PRO B 254 8.46 1.33 -8.62
C PRO B 254 9.20 0.72 -7.47
N LYS B 255 8.74 -0.43 -6.97
CA LYS B 255 9.34 -1.16 -5.86
C LYS B 255 10.43 -2.12 -6.29
N GLY B 256 10.77 -2.17 -7.56
CA GLY B 256 11.84 -3.06 -7.97
C GLY B 256 11.51 -4.52 -7.88
N LEU B 257 10.23 -4.87 -7.82
CA LEU B 257 9.84 -6.28 -7.81
C LEU B 257 9.84 -6.81 -9.24
N ASN B 258 9.42 -8.04 -9.43
CA ASN B 258 9.50 -8.69 -10.73
C ASN B 258 8.25 -9.53 -10.97
N PRO B 259 7.17 -8.91 -11.44
CA PRO B 259 5.94 -9.68 -11.66
C PRO B 259 6.02 -10.65 -12.82
N GLY B 260 6.90 -10.40 -13.81
CA GLY B 260 6.91 -11.26 -14.98
C GLY B 260 7.68 -12.52 -14.76
N LYS B 261 8.66 -12.50 -13.86
CA LYS B 261 9.31 -13.75 -13.51
C LYS B 261 8.38 -14.59 -12.67
N ALA B 262 7.53 -13.96 -11.84
CA ALA B 262 6.52 -14.69 -11.11
C ALA B 262 5.57 -15.39 -12.06
N ILE B 263 4.96 -14.64 -12.98
CA ILE B 263 4.11 -15.25 -14.01
C ILE B 263 4.81 -16.37 -14.76
N ALA B 264 6.13 -16.28 -14.95
CA ALA B 264 6.83 -17.37 -15.62
C ALA B 264 6.94 -18.59 -14.71
N GLU B 265 7.23 -18.38 -13.44
CA GLU B 265 7.24 -19.50 -12.49
C GLU B 265 5.86 -20.14 -12.42
N ILE B 266 4.80 -19.32 -12.47
CA ILE B 266 3.45 -19.87 -12.40
C ILE B 266 3.23 -20.76 -13.61
N LYS B 267 3.79 -20.38 -14.76
CA LYS B 267 3.51 -21.17 -15.95
C LYS B 267 4.29 -22.48 -15.88
N LYS B 268 5.47 -22.45 -15.27
CA LYS B 268 6.24 -23.68 -15.19
C LYS B 268 5.63 -24.61 -14.16
N MET B 269 4.82 -24.06 -13.25
CA MET B 269 4.14 -24.86 -12.22
C MET B 269 2.84 -25.42 -12.78
N MET B 270 2.23 -24.69 -13.72
CA MET B 270 1.01 -25.12 -14.37
C MET B 270 1.30 -26.21 -15.39
N ALA B 271 2.52 -26.25 -15.91
CA ALA B 271 2.92 -27.32 -16.82
C ALA B 271 3.39 -28.55 -16.06
N THR B 272 4.42 -28.39 -15.23
CA THR B 272 4.98 -29.47 -14.43
C THR B 272 4.31 -29.51 -13.05
N TYR B 273 3.12 -30.08 -13.02
CA TYR B 273 2.37 -30.16 -11.77
C TYR B 273 3.13 -31.01 -10.76
N ALA C 34 -14.38 -10.22 -6.86
CA ALA C 34 -15.60 -10.99 -7.05
C ALA C 34 -16.15 -10.80 -8.44
N LYS C 35 -16.95 -11.77 -8.87
CA LYS C 35 -17.58 -11.67 -10.17
C LYS C 35 -18.54 -10.50 -10.19
N GLU C 36 -19.42 -10.42 -9.19
CA GLU C 36 -20.39 -9.33 -9.15
C GLU C 36 -19.70 -7.97 -9.18
N GLU C 37 -18.58 -7.83 -8.46
CA GLU C 37 -17.86 -6.56 -8.46
C GLU C 37 -17.26 -6.25 -9.83
N MET C 38 -16.91 -7.28 -10.59
CA MET C 38 -16.29 -7.00 -11.89
C MET C 38 -17.37 -6.72 -12.92
N GLU C 39 -18.51 -7.39 -12.80
CA GLU C 39 -19.63 -7.11 -13.68
C GLU C 39 -20.16 -5.71 -13.42
N ARG C 40 -20.11 -5.27 -12.16
CA ARG C 40 -20.58 -3.94 -11.82
C ARG C 40 -19.60 -2.87 -12.25
N PHE C 41 -18.30 -3.17 -12.23
CA PHE C 41 -17.33 -2.21 -12.76
C PHE C 41 -17.55 -1.99 -14.23
N TRP C 42 -17.78 -3.07 -14.98
CA TRP C 42 -17.91 -2.89 -16.42
C TRP C 42 -19.27 -2.33 -16.77
N ASN C 43 -20.32 -2.75 -16.07
CA ASN C 43 -21.66 -2.21 -16.33
C ASN C 43 -21.72 -0.73 -16.01
N LYS C 44 -20.89 -0.26 -15.09
CA LYS C 44 -20.97 1.13 -14.70
C LYS C 44 -20.07 2.00 -15.56
N ASN C 45 -18.89 1.51 -15.89
CA ASN C 45 -17.95 2.32 -16.64
C ASN C 45 -18.23 2.31 -18.14
N ILE C 46 -18.70 1.20 -18.70
CA ILE C 46 -19.08 1.16 -20.11
C ILE C 46 -20.21 2.15 -20.39
N GLY C 47 -21.27 2.10 -19.57
CA GLY C 47 -22.44 2.94 -19.77
C GLY C 47 -22.32 4.37 -19.32
N SER C 48 -21.23 4.73 -18.65
CA SER C 48 -21.06 6.08 -18.13
C SER C 48 -20.49 7.00 -19.20
N ASN C 49 -20.10 8.21 -18.78
CA ASN C 49 -19.45 9.19 -19.63
C ASN C 49 -17.97 9.29 -19.31
N ARG C 50 -17.48 8.42 -18.45
CA ARG C 50 -16.10 8.47 -18.03
C ARG C 50 -15.18 8.19 -19.20
N PRO C 51 -14.13 8.98 -19.40
CA PRO C 51 -13.21 8.72 -20.51
C PRO C 51 -12.19 7.70 -20.09
N LEU C 52 -11.53 7.14 -21.09
CA LEU C 52 -10.51 6.13 -20.89
C LEU C 52 -9.18 6.83 -21.10
N SER C 53 -8.32 6.79 -20.09
CA SER C 53 -7.08 7.55 -20.16
C SER C 53 -6.22 7.09 -21.35
N PRO C 54 -5.47 8.00 -21.95
CA PRO C 54 -4.60 7.63 -23.06
C PRO C 54 -3.53 6.63 -22.68
N HIS C 55 -3.17 5.76 -23.60
CA HIS C 55 -2.21 4.70 -23.28
C HIS C 55 -1.03 4.55 -24.23
N ILE C 56 -1.28 4.00 -25.42
CA ILE C 56 -0.14 3.70 -26.34
C ILE C 56 0.54 4.99 -26.81
N THR C 57 -0.20 6.06 -27.09
CA THR C 57 0.41 7.33 -27.46
C THR C 57 1.31 7.89 -26.35
N ILE C 58 0.82 7.85 -25.11
CA ILE C 58 1.55 8.45 -24.00
C ILE C 58 2.66 7.54 -23.50
N TYR C 59 2.38 6.23 -23.54
CA TYR C 59 3.35 5.29 -22.95
C TYR C 59 4.62 5.29 -23.80
N SER C 60 5.77 5.47 -23.16
CA SER C 60 7.05 5.39 -23.92
C SER C 60 7.18 3.97 -24.47
N TRP C 61 7.85 3.78 -25.60
CA TRP C 61 8.04 2.40 -26.11
C TRP C 61 9.32 1.78 -25.55
N SER C 62 9.19 0.89 -24.57
CA SER C 62 10.36 0.14 -24.06
C SER C 62 10.91 -0.69 -25.22
N LEU C 63 12.23 -0.85 -25.33
CA LEU C 63 12.71 -1.68 -26.43
C LEU C 63 12.00 -3.03 -26.50
N PRO C 64 12.07 -3.90 -25.50
CA PRO C 64 11.42 -5.22 -25.65
C PRO C 64 9.94 -5.15 -25.99
N MET C 65 9.24 -4.06 -25.68
CA MET C 65 7.81 -3.96 -26.11
C MET C 65 7.78 -3.87 -27.64
N ALA C 66 8.62 -3.03 -28.24
CA ALA C 66 8.72 -3.01 -29.69
C ALA C 66 9.33 -4.28 -30.23
N MET C 67 10.08 -5.02 -29.41
CA MET C 67 10.64 -6.30 -29.82
C MET C 67 9.65 -7.45 -29.70
N SER C 68 8.54 -7.24 -29.00
CA SER C 68 7.46 -8.22 -28.93
C SER C 68 6.39 -7.91 -29.94
N ILE C 69 6.13 -6.62 -30.19
CA ILE C 69 5.18 -6.28 -31.23
C ILE C 69 5.77 -6.67 -32.58
N CYS C 70 7.10 -6.61 -32.71
CA CYS C 70 7.70 -7.01 -33.97
C CYS C 70 7.86 -8.51 -34.08
N HIS C 71 7.64 -9.24 -32.98
CA HIS C 71 7.63 -10.69 -33.02
C HIS C 71 6.24 -11.19 -33.34
N ARG C 72 5.25 -10.40 -32.98
CA ARG C 72 3.89 -10.73 -33.39
C ARG C 72 3.70 -10.35 -34.85
N GLY C 73 4.30 -9.24 -35.28
CA GLY C 73 4.20 -8.85 -36.66
C GLY C 73 4.96 -9.79 -37.57
N THR C 74 6.19 -10.18 -37.19
CA THR C 74 6.93 -11.13 -38.01
C THR C 74 6.28 -12.50 -37.99
N GLY C 75 5.47 -12.81 -36.98
CA GLY C 75 4.84 -14.09 -36.99
C GLY C 75 3.64 -14.08 -37.90
N ILE C 76 2.76 -13.09 -37.75
CA ILE C 76 1.65 -12.95 -38.70
C ILE C 76 2.16 -12.89 -40.13
N ALA C 77 3.25 -12.17 -40.37
CA ALA C 77 3.82 -12.07 -41.72
C ALA C 77 4.28 -13.43 -42.23
N LEU C 78 5.12 -14.12 -41.46
CA LEU C 78 5.60 -15.44 -41.87
C LEU C 78 4.43 -16.40 -42.13
N SER C 79 3.39 -16.32 -41.31
CA SER C 79 2.25 -17.21 -41.48
C SER C 79 1.47 -16.86 -42.73
N ALA C 80 1.33 -15.57 -43.01
CA ALA C 80 0.66 -15.13 -44.23
C ALA C 80 1.41 -15.66 -45.44
N GLY C 81 2.71 -15.48 -45.47
CA GLY C 81 3.54 -16.05 -46.52
C GLY C 81 3.31 -17.53 -46.72
N VAL C 82 3.59 -18.34 -45.70
CA VAL C 82 3.39 -19.79 -45.79
C VAL C 82 1.99 -20.13 -46.31
N SER C 83 0.97 -19.39 -45.87
CA SER C 83 -0.39 -19.72 -46.26
C SER C 83 -0.65 -19.38 -47.72
N LEU C 84 -0.26 -18.19 -48.16
CA LEU C 84 -0.49 -17.89 -49.57
C LEU C 84 0.40 -18.73 -50.46
N PHE C 85 1.46 -19.34 -49.92
CA PHE C 85 2.28 -20.21 -50.75
C PHE C 85 1.66 -21.59 -50.87
N GLY C 86 0.93 -22.04 -49.85
CA GLY C 86 0.24 -23.31 -49.99
C GLY C 86 -1.03 -23.15 -50.79
N MET C 87 -1.70 -22.01 -50.66
CA MET C 87 -2.87 -21.79 -51.54
C MET C 87 -2.35 -21.76 -52.97
N SER C 88 -1.44 -20.85 -53.30
CA SER C 88 -0.85 -20.86 -54.62
C SER C 88 -0.61 -22.28 -55.09
N ALA C 89 0.18 -23.05 -54.32
CA ALA C 89 0.42 -24.46 -54.63
C ALA C 89 -0.84 -25.20 -55.05
N LEU C 90 -1.98 -24.94 -54.41
CA LEU C 90 -3.18 -25.70 -54.76
C LEU C 90 -3.90 -25.16 -56.00
N LEU C 91 -3.93 -23.84 -56.16
CA LEU C 91 -4.71 -23.25 -57.28
C LEU C 91 -3.80 -22.85 -58.44
N LEU C 92 -2.85 -21.94 -58.20
CA LEU C 92 -1.93 -21.45 -59.27
C LEU C 92 -1.56 -22.60 -60.21
N PRO C 93 -1.73 -22.45 -61.55
CA PRO C 93 -1.36 -23.49 -62.51
C PRO C 93 0.10 -23.39 -62.96
N GLY C 94 0.70 -24.56 -63.16
CA GLY C 94 2.07 -24.64 -63.63
C GLY C 94 2.96 -25.33 -62.61
N ASN C 95 4.25 -24.99 -62.66
CA ASN C 95 5.23 -25.56 -61.77
C ASN C 95 6.00 -24.43 -61.10
N PHE C 96 6.72 -24.78 -60.04
CA PHE C 96 7.54 -23.79 -59.37
C PHE C 96 8.74 -23.40 -60.22
N GLU C 97 9.33 -24.38 -60.91
CA GLU C 97 10.43 -24.08 -61.81
C GLU C 97 9.98 -23.17 -62.96
N SER C 98 8.74 -23.31 -63.40
CA SER C 98 8.23 -22.39 -64.43
C SER C 98 8.14 -20.97 -63.91
N TYR C 99 7.58 -20.78 -62.71
CA TYR C 99 7.49 -19.42 -62.15
C TYR C 99 8.86 -18.88 -61.79
N LEU C 100 9.76 -19.78 -61.40
CA LEU C 100 11.13 -19.38 -61.12
C LEU C 100 11.75 -18.81 -62.38
N GLU C 101 11.78 -19.59 -63.47
CA GLU C 101 12.38 -19.07 -64.68
C GLU C 101 11.60 -17.86 -65.21
N LEU C 102 10.31 -17.75 -64.87
CA LEU C 102 9.55 -16.56 -65.22
C LEU C 102 10.17 -15.33 -64.59
N VAL C 103 10.59 -15.43 -63.34
CA VAL C 103 11.14 -14.25 -62.67
C VAL C 103 12.60 -14.06 -63.10
N LYS C 104 13.31 -15.17 -63.30
CA LYS C 104 14.69 -15.11 -63.77
C LYS C 104 14.80 -14.39 -65.10
N SER C 105 13.91 -14.69 -66.06
CA SER C 105 13.89 -14.05 -67.37
C SER C 105 14.15 -12.55 -67.28
N LEU C 106 13.34 -11.87 -66.47
CA LEU C 106 13.51 -10.41 -66.23
C LEU C 106 14.69 -10.22 -65.28
N CYS C 107 15.92 -10.36 -65.78
CA CYS C 107 17.11 -10.26 -64.96
C CYS C 107 17.09 -9.01 -64.09
N LEU C 108 17.53 -9.15 -62.83
CA LEU C 108 17.42 -7.99 -61.89
C LEU C 108 18.81 -7.47 -61.48
N GLY C 109 19.81 -8.32 -61.40
CA GLY C 109 21.15 -7.89 -61.08
C GLY C 109 21.68 -8.52 -59.80
N PRO C 110 22.97 -8.31 -59.51
CA PRO C 110 23.54 -8.82 -58.26
C PRO C 110 23.21 -8.03 -57.01
N ALA C 111 22.59 -6.85 -57.12
CA ALA C 111 22.24 -6.08 -55.95
C ALA C 111 20.77 -6.24 -55.54
N LEU C 112 19.86 -6.18 -56.51
CA LEU C 112 18.46 -6.38 -56.16
C LEU C 112 18.25 -7.77 -55.59
N ILE C 113 19.07 -8.74 -56.03
CA ILE C 113 18.90 -10.10 -55.53
C ILE C 113 19.42 -10.18 -54.09
N HIS C 114 20.60 -9.60 -53.83
CA HIS C 114 21.20 -9.67 -52.51
C HIS C 114 20.58 -8.68 -51.55
N THR C 115 19.49 -8.04 -51.98
CA THR C 115 18.71 -7.19 -51.09
C THR C 115 17.32 -7.78 -50.90
N ALA C 116 16.68 -8.24 -51.98
CA ALA C 116 15.40 -8.94 -51.86
C ALA C 116 15.53 -10.16 -50.97
N LYS C 117 16.63 -10.91 -51.09
CA LYS C 117 16.85 -12.02 -50.16
C LYS C 117 16.89 -11.53 -48.72
N PHE C 118 17.64 -10.47 -48.45
CA PHE C 118 17.72 -9.96 -47.08
C PHE C 118 16.38 -9.49 -46.58
N ALA C 119 15.60 -8.82 -47.42
CA ALA C 119 14.27 -8.36 -47.01
C ALA C 119 13.29 -9.51 -46.87
N LEU C 120 13.58 -10.64 -47.50
CA LEU C 120 12.70 -11.79 -47.40
C LEU C 120 13.08 -12.74 -46.27
N VAL C 121 14.28 -12.63 -45.74
CA VAL C 121 14.74 -13.54 -44.71
C VAL C 121 14.95 -12.84 -43.36
N PHE C 122 15.08 -11.51 -43.33
CA PHE C 122 15.20 -10.81 -42.06
C PHE C 122 14.01 -11.03 -41.13
N PRO C 123 12.75 -11.01 -41.58
CA PRO C 123 11.67 -11.41 -40.67
C PRO C 123 11.85 -12.81 -40.11
N LEU C 124 12.27 -13.76 -40.94
CA LEU C 124 12.38 -15.14 -40.48
C LEU C 124 13.46 -15.28 -39.44
N MET C 125 14.63 -14.72 -39.71
CA MET C 125 15.72 -14.74 -38.76
C MET C 125 15.33 -14.05 -37.46
N TYR C 126 14.94 -12.78 -37.54
CA TYR C 126 14.50 -12.05 -36.37
C TYR C 126 13.58 -12.92 -35.53
N HIS C 127 12.44 -13.30 -36.11
CA HIS C 127 11.46 -14.14 -35.44
C HIS C 127 12.12 -15.34 -34.77
N THR C 128 12.83 -16.17 -35.53
CA THR C 128 13.43 -17.37 -34.98
C THR C 128 14.31 -17.08 -33.76
N TRP C 129 15.12 -16.02 -33.83
CA TRP C 129 15.98 -15.71 -32.70
C TRP C 129 15.15 -15.26 -31.50
N ASN C 130 14.24 -14.32 -31.72
CA ASN C 130 13.36 -13.91 -30.63
C ASN C 130 12.60 -15.11 -30.07
N GLY C 131 12.16 -16.02 -30.94
CA GLY C 131 11.58 -17.28 -30.50
C GLY C 131 12.44 -17.99 -29.48
N ILE C 132 13.74 -18.12 -29.76
CA ILE C 132 14.62 -18.79 -28.80
C ILE C 132 14.73 -17.97 -27.52
N ARG C 133 14.77 -16.65 -27.64
CA ARG C 133 14.66 -15.80 -26.46
C ARG C 133 13.42 -16.15 -25.62
N HIS C 134 12.25 -16.22 -26.27
CA HIS C 134 11.01 -16.45 -25.53
C HIS C 134 10.95 -17.86 -24.98
N LEU C 135 11.65 -18.80 -25.59
CA LEU C 135 11.71 -20.13 -25.03
C LEU C 135 12.61 -20.15 -23.81
N MET C 136 13.71 -19.41 -23.85
CA MET C 136 14.53 -19.23 -22.66
C MET C 136 13.73 -18.59 -21.54
N TRP C 137 12.92 -17.59 -21.86
CA TRP C 137 12.07 -16.94 -20.87
C TRP C 137 11.03 -17.88 -20.30
N ASP C 138 10.56 -18.82 -21.12
CA ASP C 138 9.55 -19.78 -20.67
C ASP C 138 10.12 -20.69 -19.60
N LEU C 139 11.39 -21.05 -19.70
CA LEU C 139 12.04 -21.79 -18.64
C LEU C 139 12.43 -20.88 -17.49
N GLY C 140 11.94 -19.65 -17.49
CA GLY C 140 12.16 -18.70 -16.42
C GLY C 140 13.61 -18.29 -16.25
N LYS C 141 14.28 -17.98 -17.35
CA LYS C 141 15.69 -17.59 -17.30
C LYS C 141 15.87 -16.28 -18.02
N GLY C 142 16.71 -15.42 -17.45
CA GLY C 142 17.01 -14.16 -18.10
C GLY C 142 15.91 -13.15 -17.99
N LEU C 143 15.18 -13.15 -16.88
CA LEU C 143 14.02 -12.30 -16.68
C LEU C 143 14.28 -11.19 -15.67
N LYS C 144 15.50 -10.69 -15.64
CA LYS C 144 15.89 -9.54 -14.85
C LYS C 144 16.13 -8.38 -15.80
N ILE C 145 15.64 -7.20 -15.44
CA ILE C 145 15.74 -6.01 -16.31
C ILE C 145 17.10 -5.94 -17.00
N PRO C 146 18.25 -5.95 -16.25
CA PRO C 146 19.55 -5.78 -16.91
C PRO C 146 19.77 -6.80 -18.01
N GLN C 147 19.05 -7.92 -17.96
CA GLN C 147 19.25 -9.00 -18.91
C GLN C 147 18.34 -8.89 -20.10
N LEU C 148 17.15 -8.30 -19.96
CA LEU C 148 16.26 -8.20 -21.11
C LEU C 148 16.83 -7.29 -22.18
N TYR C 149 17.86 -6.51 -21.84
CA TYR C 149 18.44 -5.58 -22.79
C TYR C 149 19.67 -6.15 -23.42
N GLN C 150 20.39 -7.00 -22.69
CA GLN C 150 21.47 -7.74 -23.32
C GLN C 150 20.85 -8.77 -24.25
N SER C 151 19.75 -9.40 -23.84
CA SER C 151 19.05 -10.31 -24.73
C SER C 151 18.56 -9.56 -25.96
N GLY C 152 17.95 -8.40 -25.77
CA GLY C 152 17.52 -7.57 -26.89
C GLY C 152 18.63 -7.36 -27.88
N VAL C 153 19.72 -6.73 -27.43
CA VAL C 153 20.87 -6.45 -28.29
C VAL C 153 21.35 -7.71 -29.00
N VAL C 154 21.59 -8.79 -28.25
CA VAL C 154 21.98 -10.07 -28.83
C VAL C 154 21.04 -10.47 -29.97
N VAL C 155 19.75 -10.56 -29.66
CA VAL C 155 18.75 -10.96 -30.66
C VAL C 155 18.88 -10.12 -31.91
N LEU C 156 18.86 -8.79 -31.77
CA LEU C 156 18.93 -7.92 -32.94
C LEU C 156 20.23 -8.10 -33.71
N VAL C 157 21.35 -8.26 -33.00
CA VAL C 157 22.62 -8.49 -33.67
C VAL C 157 22.54 -9.77 -34.47
N LEU C 158 22.30 -10.90 -33.80
CA LEU C 158 22.19 -12.17 -34.52
C LEU C 158 21.17 -12.10 -35.64
N THR C 159 20.15 -11.28 -35.49
CA THR C 159 19.18 -11.06 -36.56
C THR C 159 19.87 -10.54 -37.80
N VAL C 160 20.52 -9.38 -37.69
CA VAL C 160 21.23 -8.81 -38.85
C VAL C 160 22.30 -9.78 -39.34
N LEU C 161 23.27 -10.07 -38.48
CA LEU C 161 24.37 -10.98 -38.80
C LEU C 161 23.90 -12.22 -39.56
N SER C 162 22.86 -12.90 -39.05
CA SER C 162 22.36 -14.10 -39.70
C SER C 162 21.71 -13.74 -41.02
N SER C 163 20.85 -12.72 -41.03
CA SER C 163 20.14 -12.36 -42.25
C SER C 163 21.13 -12.25 -43.40
N MET C 164 22.10 -11.35 -43.20
CA MET C 164 23.16 -11.16 -44.22
C MET C 164 23.75 -12.52 -44.58
N GLY C 165 24.38 -13.17 -43.60
CA GLY C 165 25.04 -14.43 -43.93
C GLY C 165 24.18 -15.33 -44.77
N LEU C 166 22.90 -15.46 -44.38
CA LEU C 166 21.93 -16.27 -45.11
C LEU C 166 21.80 -15.82 -46.55
N ALA C 167 21.80 -14.51 -46.79
CA ALA C 167 21.58 -14.02 -48.14
C ALA C 167 22.89 -13.74 -48.86
N ALA C 168 23.99 -14.20 -48.30
CA ALA C 168 25.27 -14.25 -48.97
C ALA C 168 25.58 -15.64 -49.49
N MET C 169 24.59 -16.53 -49.51
CA MET C 169 24.81 -17.91 -49.94
C MET C 169 24.78 -18.05 -51.45
N SER D 59 -10.15 -29.49 -16.45
CA SER D 59 -8.98 -30.22 -16.92
C SER D 59 -7.81 -29.27 -17.16
N LYS D 60 -6.72 -29.83 -17.70
CA LYS D 60 -5.53 -29.05 -18.02
C LYS D 60 -5.49 -28.73 -19.51
N ALA D 61 -6.51 -28.03 -19.99
CA ALA D 61 -6.58 -27.76 -21.41
C ALA D 61 -5.93 -26.43 -21.79
N ALA D 62 -5.53 -25.63 -20.82
CA ALA D 62 -4.79 -24.42 -21.16
C ALA D 62 -3.31 -24.59 -20.92
N SER D 63 -2.94 -25.39 -19.91
CA SER D 63 -1.55 -25.69 -19.70
C SER D 63 -1.09 -26.76 -20.67
N LEU D 64 -2.02 -27.60 -21.13
CA LEU D 64 -1.66 -28.59 -22.13
C LEU D 64 -1.44 -27.91 -23.46
N HIS D 65 -2.25 -26.89 -23.77
CA HIS D 65 -2.01 -26.07 -24.94
C HIS D 65 -0.67 -25.37 -24.85
N TRP D 66 -0.47 -24.58 -23.79
CA TRP D 66 0.77 -23.84 -23.63
C TRP D 66 1.97 -24.75 -23.87
N THR D 67 1.97 -25.94 -23.26
CA THR D 67 3.08 -26.87 -23.45
C THR D 67 3.18 -27.36 -24.88
N SER D 68 2.07 -27.85 -25.45
CA SER D 68 2.07 -28.30 -26.83
C SER D 68 2.62 -27.24 -27.80
N GLU D 69 2.40 -25.96 -27.48
CA GLU D 69 2.94 -24.89 -28.34
C GLU D 69 4.42 -24.73 -28.14
N ARG D 70 4.92 -24.94 -26.93
CA ARG D 70 6.36 -24.78 -26.73
C ARG D 70 7.10 -25.94 -27.36
N VAL D 71 6.53 -27.14 -27.24
CA VAL D 71 7.11 -28.29 -27.92
C VAL D 71 7.16 -28.07 -29.42
N VAL D 72 6.05 -27.69 -30.04
CA VAL D 72 6.07 -27.43 -31.48
C VAL D 72 7.12 -26.38 -31.83
N SER D 73 7.22 -25.31 -31.03
CA SER D 73 8.24 -24.30 -31.28
C SER D 73 9.64 -24.90 -31.33
N VAL D 74 10.06 -25.59 -30.26
CA VAL D 74 11.42 -26.16 -30.25
C VAL D 74 11.57 -27.18 -31.37
N LEU D 75 10.49 -27.91 -31.66
CA LEU D 75 10.50 -28.87 -32.76
C LEU D 75 10.87 -28.20 -34.05
N LEU D 76 10.10 -27.18 -34.44
CA LEU D 76 10.41 -26.37 -35.62
C LEU D 76 11.83 -25.83 -35.56
N LEU D 77 12.26 -25.39 -34.37
CA LEU D 77 13.60 -24.84 -34.23
C LEU D 77 14.65 -25.83 -34.64
N GLY D 78 14.41 -27.11 -34.39
CA GLY D 78 15.39 -28.10 -34.77
C GLY D 78 15.16 -28.64 -36.16
N LEU D 79 13.90 -28.66 -36.58
CA LEU D 79 13.48 -29.16 -37.87
C LEU D 79 13.81 -28.22 -39.03
N LEU D 80 14.16 -26.97 -38.75
CA LEU D 80 14.53 -26.05 -39.83
C LEU D 80 15.98 -26.32 -40.23
N PRO D 81 16.96 -26.28 -39.31
CA PRO D 81 18.35 -26.45 -39.76
C PRO D 81 18.60 -27.85 -40.30
N ALA D 82 18.02 -28.88 -39.68
CA ALA D 82 18.21 -30.23 -40.16
C ALA D 82 17.66 -30.41 -41.57
N ALA D 83 16.74 -29.54 -41.98
CA ALA D 83 16.29 -29.53 -43.36
C ALA D 83 17.44 -29.19 -44.29
N TYR D 84 18.28 -28.22 -43.90
CA TYR D 84 19.46 -27.88 -44.69
C TYR D 84 20.51 -28.99 -44.64
N LEU D 85 20.77 -29.54 -43.45
CA LEU D 85 21.82 -30.54 -43.32
C LEU D 85 21.58 -31.76 -44.19
N ASN D 86 20.35 -32.27 -44.20
CA ASN D 86 20.05 -33.53 -44.90
C ASN D 86 18.61 -33.48 -45.40
N PRO D 87 18.39 -32.90 -46.57
CA PRO D 87 17.01 -32.80 -47.08
C PRO D 87 16.42 -34.16 -47.42
N CYS D 88 15.12 -34.29 -47.16
CA CYS D 88 14.35 -35.50 -47.45
C CYS D 88 12.90 -35.13 -47.70
N SER D 89 12.20 -36.02 -48.38
CA SER D 89 10.78 -35.79 -48.67
C SER D 89 9.93 -35.97 -47.41
N ALA D 90 10.21 -37.00 -46.61
CA ALA D 90 9.51 -37.12 -45.34
C ALA D 90 9.80 -35.92 -44.44
N MET D 91 11.01 -35.38 -44.51
CA MET D 91 11.31 -34.20 -43.71
C MET D 91 10.60 -32.97 -44.27
N ASP D 92 10.34 -32.96 -45.58
CA ASP D 92 9.47 -31.93 -46.15
C ASP D 92 8.08 -32.01 -45.53
N TYR D 93 7.51 -33.21 -45.50
CA TYR D 93 6.15 -33.35 -44.98
C TYR D 93 6.08 -32.98 -43.50
N SER D 94 7.06 -33.42 -42.71
CA SER D 94 7.09 -33.04 -41.31
C SER D 94 7.26 -31.53 -41.13
N LEU D 95 8.08 -30.89 -41.98
CA LEU D 95 8.22 -29.44 -41.88
C LEU D 95 6.93 -28.73 -42.26
N ALA D 96 6.21 -29.27 -43.24
CA ALA D 96 4.93 -28.68 -43.60
C ALA D 96 3.97 -28.73 -42.43
N ALA D 97 3.93 -29.87 -41.73
CA ALA D 97 2.99 -30.01 -40.63
C ALA D 97 3.40 -29.14 -39.45
N ALA D 98 4.70 -29.06 -39.20
CA ALA D 98 5.24 -28.19 -38.16
C ALA D 98 4.81 -26.75 -38.42
N LEU D 99 5.27 -26.17 -39.53
CA LEU D 99 4.92 -24.77 -39.82
C LEU D 99 3.42 -24.53 -39.84
N THR D 100 2.60 -25.52 -40.24
CA THR D 100 1.17 -25.24 -40.27
C THR D 100 0.51 -25.36 -38.92
N LEU D 101 1.12 -26.08 -37.99
CA LEU D 101 0.54 -26.17 -36.66
C LEU D 101 1.00 -25.00 -35.84
N HIS D 102 2.33 -24.57 -36.01
CA HIS D 102 2.90 -23.40 -35.30
C HIS D 102 2.13 -22.15 -35.72
N GLY D 103 1.94 -22.03 -37.02
CA GLY D 103 1.22 -20.87 -37.48
C GLY D 103 -0.24 -20.87 -37.07
N HIS D 104 -0.89 -22.04 -37.09
CA HIS D 104 -2.28 -22.08 -36.66
C HIS D 104 -2.41 -21.68 -35.20
N TRP D 105 -1.53 -22.16 -34.34
CA TRP D 105 -1.61 -21.83 -32.92
C TRP D 105 -1.24 -20.37 -32.67
N GLY D 106 -0.19 -19.88 -33.32
CA GLY D 106 0.17 -18.47 -33.17
C GLY D 106 -0.96 -17.55 -33.58
N LEU D 107 -1.48 -17.74 -34.79
CA LEU D 107 -2.62 -16.95 -35.24
C LEU D 107 -3.80 -17.07 -34.28
N GLY D 108 -4.03 -18.27 -33.76
CA GLY D 108 -5.01 -18.48 -32.72
C GLY D 108 -4.85 -17.50 -31.59
N GLN D 109 -3.63 -17.44 -31.03
CA GLN D 109 -3.33 -16.48 -29.98
C GLN D 109 -3.67 -15.05 -30.39
N VAL D 110 -3.14 -14.61 -31.53
CA VAL D 110 -3.47 -13.27 -32.06
C VAL D 110 -4.98 -13.04 -32.02
N VAL D 111 -5.74 -13.93 -32.64
CA VAL D 111 -7.20 -13.87 -32.63
C VAL D 111 -7.71 -13.71 -31.21
N THR D 112 -7.41 -14.67 -30.34
CA THR D 112 -7.86 -14.60 -28.94
C THR D 112 -7.58 -13.23 -28.31
N ASP D 113 -6.46 -12.61 -28.66
CA ASP D 113 -6.13 -11.32 -28.06
C ASP D 113 -7.00 -10.20 -28.65
N TYR D 114 -7.28 -10.24 -29.95
CA TYR D 114 -7.81 -9.05 -30.61
C TYR D 114 -9.28 -9.13 -31.03
N VAL D 115 -9.82 -10.32 -31.25
CA VAL D 115 -11.22 -10.45 -31.63
C VAL D 115 -11.99 -10.69 -30.34
N HIS D 116 -12.50 -9.60 -29.77
CA HIS D 116 -13.32 -9.69 -28.56
C HIS D 116 -14.75 -10.01 -28.94
N GLY D 117 -15.41 -10.80 -28.09
CA GLY D 117 -16.73 -11.27 -28.42
C GLY D 117 -16.74 -12.75 -28.74
N ASP D 118 -17.48 -13.53 -27.95
CA ASP D 118 -17.43 -14.97 -28.13
C ASP D 118 -18.10 -15.40 -29.43
N ALA D 119 -19.13 -14.68 -29.86
CA ALA D 119 -19.74 -14.94 -31.16
C ALA D 119 -18.71 -14.85 -32.28
N LEU D 120 -18.13 -13.66 -32.45
CA LEU D 120 -17.19 -13.43 -33.55
C LEU D 120 -15.93 -14.28 -33.41
N GLN D 121 -15.48 -14.54 -32.19
CA GLN D 121 -14.24 -15.27 -31.98
C GLN D 121 -14.31 -16.65 -32.59
N LYS D 122 -15.36 -17.41 -32.26
CA LYS D 122 -15.52 -18.76 -32.78
C LYS D 122 -15.47 -18.76 -34.30
N ALA D 123 -16.15 -17.81 -34.93
CA ALA D 123 -16.11 -17.70 -36.37
C ALA D 123 -14.69 -17.48 -36.87
N ALA D 124 -13.98 -16.52 -36.27
CA ALA D 124 -12.61 -16.26 -36.71
C ALA D 124 -11.74 -17.49 -36.55
N LYS D 125 -11.89 -18.21 -35.45
CA LYS D 125 -11.08 -19.41 -35.26
C LYS D 125 -11.46 -20.52 -36.23
N ALA D 126 -12.69 -20.52 -36.72
CA ALA D 126 -13.07 -21.56 -37.68
C ALA D 126 -12.48 -21.23 -39.04
N GLY D 127 -12.53 -19.96 -39.43
CA GLY D 127 -11.89 -19.57 -40.68
C GLY D 127 -10.39 -19.70 -40.61
N LEU D 128 -9.83 -19.60 -39.40
CA LEU D 128 -8.40 -19.84 -39.23
C LEU D 128 -8.06 -21.32 -39.29
N LEU D 129 -8.93 -22.18 -38.75
CA LEU D 129 -8.71 -23.62 -38.89
C LEU D 129 -8.95 -24.08 -40.31
N ALA D 130 -9.49 -23.22 -41.15
CA ALA D 130 -9.70 -23.56 -42.56
C ALA D 130 -8.51 -23.07 -43.36
N LEU D 131 -8.09 -21.83 -43.15
CA LEU D 131 -6.84 -21.38 -43.74
C LEU D 131 -5.71 -22.35 -43.42
N SER D 132 -5.69 -22.89 -42.20
CA SER D 132 -4.63 -23.83 -41.82
C SER D 132 -4.84 -25.20 -42.45
N ALA D 133 -6.10 -25.68 -42.48
CA ALA D 133 -6.41 -26.97 -43.08
C ALA D 133 -6.24 -26.96 -44.58
N LEU D 134 -5.99 -25.81 -45.18
CA LEU D 134 -5.73 -25.71 -46.60
C LEU D 134 -4.29 -25.37 -46.88
N THR D 135 -3.67 -24.56 -46.04
CA THR D 135 -2.24 -24.33 -46.16
C THR D 135 -1.50 -25.66 -46.09
N PHE D 136 -1.88 -26.51 -45.12
CA PHE D 136 -1.23 -27.81 -45.03
C PHE D 136 -1.51 -28.65 -46.26
N ALA D 137 -2.69 -28.49 -46.84
CA ALA D 137 -3.04 -29.27 -48.02
C ALA D 137 -2.16 -28.87 -49.18
N GLY D 138 -2.08 -27.57 -49.47
CA GLY D 138 -1.21 -27.11 -50.53
C GLY D 138 0.25 -27.42 -50.30
N LEU D 139 0.70 -27.39 -49.04
CA LEU D 139 2.09 -27.73 -48.78
C LEU D 139 2.37 -29.19 -49.10
N CYS D 140 1.47 -30.09 -48.72
CA CYS D 140 1.66 -31.50 -49.02
C CYS D 140 1.51 -31.78 -50.51
N TYR D 141 0.54 -31.13 -51.15
CA TYR D 141 0.37 -31.25 -52.59
C TYR D 141 1.67 -30.86 -53.29
N PHE D 142 2.11 -29.62 -53.12
CA PHE D 142 3.37 -29.16 -53.68
C PHE D 142 4.46 -30.18 -53.44
N ASN D 143 4.60 -30.66 -52.19
CA ASN D 143 5.64 -31.62 -51.87
C ASN D 143 5.55 -32.86 -52.76
N TYR D 144 4.33 -33.36 -52.97
CA TYR D 144 4.14 -34.57 -53.76
C TYR D 144 4.16 -34.34 -55.27
N HIS D 145 3.84 -33.14 -55.73
CA HIS D 145 3.70 -32.86 -57.16
C HIS D 145 4.73 -31.88 -57.70
N ASP D 146 5.63 -31.38 -56.86
CA ASP D 146 6.65 -30.43 -57.27
C ASP D 146 7.92 -30.79 -56.51
N VAL D 147 8.88 -29.87 -56.51
CA VAL D 147 10.20 -30.15 -55.99
C VAL D 147 10.24 -30.25 -54.47
N GLY D 148 9.18 -29.86 -53.78
CA GLY D 148 9.14 -29.85 -52.34
C GLY D 148 9.73 -28.56 -51.77
N ILE D 149 9.49 -28.35 -50.48
CA ILE D 149 9.87 -27.07 -49.87
C ILE D 149 11.38 -26.88 -49.88
N CYS D 150 12.13 -27.93 -49.54
CA CYS D 150 13.60 -27.84 -49.55
C CYS D 150 14.12 -27.47 -50.94
N LYS D 151 13.73 -28.24 -51.94
CA LYS D 151 14.25 -27.99 -53.28
C LYS D 151 13.80 -26.64 -53.77
N ALA D 152 12.49 -26.37 -53.71
CA ALA D 152 11.92 -25.07 -54.09
C ALA D 152 12.75 -23.92 -53.54
N VAL D 153 12.90 -23.88 -52.21
CA VAL D 153 13.73 -22.87 -51.56
C VAL D 153 15.10 -22.79 -52.23
N ALA D 154 15.83 -23.91 -52.26
CA ALA D 154 17.17 -23.93 -52.85
C ALA D 154 17.19 -23.31 -54.24
N MET D 155 16.22 -23.70 -55.08
CA MET D 155 16.09 -23.17 -56.43
C MET D 155 15.91 -21.66 -56.40
N LEU D 156 14.89 -21.17 -55.67
CA LEU D 156 14.64 -19.75 -55.63
C LEU D 156 15.80 -19.01 -55.00
N TRP D 157 16.66 -19.72 -54.28
CA TRP D 157 17.87 -19.17 -53.71
C TRP D 157 19.10 -19.55 -54.52
N LYS D 158 18.91 -19.94 -55.78
CA LYS D 158 20.03 -20.22 -56.65
C LYS D 158 20.45 -18.98 -57.44
N LEU D 159 19.48 -18.23 -57.92
CA LEU D 159 19.76 -16.98 -58.62
C LEU D 159 20.15 -15.87 -57.64
PA FAD E . -4.52 3.76 10.65
O1A FAD E . -3.89 5.03 10.21
O2A FAD E . -3.68 2.49 10.41
O5B FAD E . -5.93 3.58 10.00
C5B FAD E . -6.91 4.64 10.02
C4B FAD E . -8.05 4.27 9.11
O4B FAD E . -9.17 5.14 9.35
C3B FAD E . -7.73 4.36 7.61
O3B FAD E . -8.19 3.19 6.92
C2B FAD E . -8.47 5.62 7.17
O2B FAD E . -8.91 5.55 5.82
C1B FAD E . -9.68 5.58 8.11
N9A FAD E . -10.33 6.87 8.30
C8A FAD E . -9.83 7.98 8.94
N7A FAD E . -10.65 9.00 8.96
C5A FAD E . -11.77 8.53 8.29
C6A FAD E . -13.00 9.13 7.96
N6A FAD E . -13.34 10.38 8.28
N1A FAD E . -13.91 8.38 7.29
C2A FAD E . -13.59 7.12 6.96
N3A FAD E . -12.46 6.46 7.21
C4A FAD E . -11.59 7.22 7.88
N1 FAD E . 3.81 1.02 15.32
C2 FAD E . 4.48 -0.11 15.67
O2 FAD E . 4.07 -0.86 16.56
N3 FAD E . 5.65 -0.44 15.02
C4 FAD E . 6.26 0.29 14.01
O4 FAD E . 7.31 -0.09 13.50
C4X FAD E . 5.53 1.50 13.64
N5 FAD E . 6.02 2.25 12.70
C5X FAD E . 5.33 3.39 12.35
C6 FAD E . 5.84 4.20 11.34
C7 FAD E . 5.17 5.37 10.95
C7M FAD E . 5.76 6.22 9.85
C8 FAD E . 3.97 5.73 11.58
C8M FAD E . 3.24 6.98 11.18
C9 FAD E . 3.46 4.91 12.59
C9A FAD E . 4.12 3.76 12.97
N10 FAD E . 3.63 2.92 14.00
C10 FAD E . 4.31 1.77 14.35
C1' FAD E . 2.38 3.24 14.68
C2' FAD E . 1.21 2.36 14.25
O2' FAD E . 1.57 1.60 13.09
C3' FAD E . -0.01 3.22 13.95
O3' FAD E . -0.35 3.95 15.12
C4' FAD E . -1.20 2.38 13.51
O4' FAD E . -0.99 1.92 12.17
C5' FAD E . -2.53 3.09 13.60
O5' FAD E . -3.58 2.13 13.43
P FAD E . -5.06 2.57 13.11
O1P FAD E . -5.74 1.47 12.28
O2P FAD E . -5.75 2.96 14.36
O3P FAD E . -4.87 3.83 12.19
FE1 FES F . 1.62 6.53 -0.76
FE2 FES F . 3.11 7.81 -3.17
S1 FES F . 1.69 8.59 -1.64
S2 FES F . 2.75 5.71 -2.50
FE1 SF4 G . 2.95 -4.12 -9.87
FE2 SF4 G . 5.26 -3.68 -8.58
FE3 SF4 G . 2.85 -4.41 -6.98
FE4 SF4 G . 2.90 -1.93 -7.89
S1 SF4 G . 4.40 -2.94 -6.76
S2 SF4 G . 1.53 -3.51 -8.41
S3 SF4 G . 4.02 -2.29 -9.66
S4 SF4 G . 3.98 -5.40 -8.52
FE1 F3S H . 2.98 -10.35 -19.29
FE3 F3S H . 2.17 -7.85 -19.39
FE4 F3S H . 4.18 -8.51 -17.67
S1 F3S H . 2.31 -9.25 -21.14
S2 F3S H . 5.19 -10.14 -18.86
S3 F3S H . 2.03 -9.22 -17.60
S4 F3S H . 4.11 -6.75 -19.08
C1 UQ1 I . 1.15 -4.46 -28.87
O1 UQ1 I . 0.42 -4.96 -29.71
C2 UQ1 I . 2.04 -5.30 -28.09
O2 UQ1 I . 2.24 -6.65 -28.16
CM2 UQ1 I . 1.70 -7.37 -29.27
C3 UQ1 I . 2.82 -4.68 -27.10
O3 UQ1 I . 3.62 -5.39 -26.28
CM3 UQ1 I . 4.90 -5.71 -26.84
C4 UQ1 I . 2.82 -3.29 -26.94
O4 UQ1 I . 3.57 -2.81 -26.12
C5 UQ1 I . 1.90 -2.47 -27.69
CM5 UQ1 I . 1.88 -1.00 -27.42
C6 UQ1 I . 1.07 -3.06 -28.61
C7 UQ1 I . 0.08 -2.21 -29.38
C8 UQ1 I . 0.28 -2.24 -30.87
C9 UQ1 I . -0.57 -2.70 -31.77
C10 UQ1 I . -1.90 -3.27 -31.41
C11 UQ1 I . -0.27 -2.70 -33.24
CHA HEM J . 4.75 -16.94 -32.45
CHB HEM J . 8.86 -19.40 -31.88
CHC HEM J . 9.17 -19.92 -36.61
CHD HEM J . 4.72 -18.19 -37.05
C1A HEM J . 5.86 -17.55 -31.85
C2A HEM J . 6.18 -17.58 -30.46
C3A HEM J . 7.35 -18.27 -30.30
C4A HEM J . 7.72 -18.65 -31.59
CMA HEM J . 8.12 -18.59 -29.05
CAA HEM J . 5.39 -16.94 -29.34
CBA HEM J . 4.13 -17.76 -29.02
CGA HEM J . 3.23 -16.98 -28.04
O1A HEM J . 3.24 -17.39 -26.88
O2A HEM J . 2.99 -15.78 -28.34
C1B HEM J . 9.32 -19.74 -33.11
C2B HEM J . 10.52 -20.42 -33.34
C3B HEM J . 10.66 -20.60 -34.65
C4B HEM J . 9.48 -19.99 -35.29
CMB HEM J . 11.47 -20.85 -32.24
CAB HEM J . 11.78 -21.27 -35.35
CBB HEM J . 12.00 -21.08 -36.62
C1C HEM J . 7.97 -19.56 -37.21
C2C HEM J . 7.60 -19.71 -38.55
C3C HEM J . 6.34 -19.22 -38.66
C4C HEM J . 5.92 -18.76 -37.38
CMC HEM J . 8.44 -20.30 -39.64
CAC HEM J . 5.42 -19.12 -39.81
CBC HEM J . 4.33 -19.78 -39.96
C1D HEM J . 4.35 -17.70 -35.86
C2D HEM J . 3.09 -17.01 -35.55
C3D HEM J . 3.11 -16.68 -34.31
C4D HEM J . 4.34 -17.09 -33.72
CMD HEM J . 1.99 -16.80 -36.60
CAD HEM J . 2.04 -15.96 -33.50
CBD HEM J . 2.40 -14.50 -33.21
CGD HEM J . 2.24 -14.23 -31.77
O1D HEM J . 1.58 -15.03 -31.10
O2D HEM J . 3.04 -13.48 -31.24
NA HEM J . 6.86 -18.25 -32.55
NB HEM J . 8.68 -19.46 -34.29
NC HEM J . 6.95 -18.97 -36.48
ND HEM J . 5.07 -17.71 -34.72
FE HEM J . 6.91 -18.52 -34.53
C48 PEV K . 6.67 -22.86 -47.04
C47 PEV K . 7.34 -22.31 -48.27
C46 PEV K . 8.17 -21.09 -47.99
C45 PEV K . 9.14 -20.70 -49.08
C44 PEV K . 10.34 -19.93 -48.59
C43 PEV K . 11.10 -19.19 -49.67
C42 PEV K . 11.10 -17.69 -49.48
C41 PEV K . 11.31 -17.26 -48.05
C40 PEV K . 12.74 -17.07 -47.65
C39 PEV K . 13.07 -17.60 -46.28
C38 PEV K . 13.44 -19.06 -46.28
C37 PEV K . 14.73 -19.35 -47.02
C36 PEV K . 15.98 -18.93 -46.30
C35 PEV K . 16.76 -20.08 -45.71
C34 PEV K . 18.13 -20.26 -46.32
C33 PEV K . 18.14 -21.13 -47.56
C32 PEV K . 19.50 -21.70 -47.86
C31 PEV K . 19.47 -22.77 -48.92
O31 PEV K . 19.17 -22.55 -50.07
O2 PEV K . 19.86 -23.99 -48.52
C2 PEV K . 18.86 -25.04 -48.36
C1 PEV K . 18.96 -25.95 -49.56
O3P PEV K . 20.01 -26.94 -49.41
P PEV K . 21.39 -26.74 -50.21
O1P PEV K . 21.94 -25.38 -49.86
O2P PEV K . 21.14 -27.10 -51.64
O4P PEV K . 22.35 -27.88 -49.60
C4 PEV K . 21.78 -28.86 -48.69
C5 PEV K . 22.31 -30.23 -49.06
N6 PEV K . 23.60 -30.15 -49.75
C3 PEV K . 17.49 -24.48 -48.15
O3 PEV K . 16.51 -25.53 -48.24
C11 PEV K . 16.34 -26.28 -47.16
O11 PEV K . 16.60 -27.46 -47.14
C12 PEV K . 15.71 -25.52 -46.01
C13 PEV K . 14.65 -24.54 -46.43
C14 PEV K . 14.08 -23.76 -45.26
C15 PEV K . 12.87 -22.94 -45.62
C16 PEV K . 11.93 -22.67 -44.46
C17 PEV K . 10.79 -21.74 -44.80
C18 PEV K . 9.73 -21.64 -43.72
C19 PEV K . 8.96 -20.35 -43.71
C20 PEV K . 9.28 -19.41 -44.85
C21 PEV K . 8.33 -18.24 -44.97
C22 PEV K . 8.99 -16.95 -45.37
C23 PEV K . 8.04 -15.84 -45.74
C24 PEV K . 8.55 -14.45 -45.43
C25 PEV K . 7.54 -13.36 -45.60
C26 PEV K . 7.99 -12.01 -45.09
#